data_3ENO
#
_entry.id   3ENO
#
_cell.length_a   66.560
_cell.length_b   66.560
_cell.length_c   435.559
_cell.angle_alpha   90.00
_cell.angle_beta   90.00
_cell.angle_gamma   120.00
#
_symmetry.space_group_name_H-M   'P 65'
#
loop_
_entity.id
_entity.type
_entity.pdbx_description
1 polymer 'Putative O-sialoglycoprotein endopeptidase'
2 polymer 'uncharacterized protein PF2011'
3 non-polymer 'MAGNESIUM ION'
#
loop_
_entity_poly.entity_id
_entity_poly.type
_entity_poly.pdbx_seq_one_letter_code
_entity_poly.pdbx_strand_id
1 'polypeptide(L)'
;GAMDPMIVLGLEGTAHTISCGIIDESRILAMESSMYRPKTGGIRPLDAAVHHSEVIDTVISRALEKAKISIHDIDLIGFS
MGPGLAPSLRVTATAARTISVLTGKPIIGVNHPLGHIEIGRRVTGAIDPVMLYVSGGNTQVIAHVNGRYRVLGETLDIGI
GNMIDKFAREAGIPFPGGPEIEKLAMKGTKLLDLPYSVKGMDTAFSGILTAALQYLKTGQAIEDISYSIQETAFAMLVEV
LERALYVSGKDEILMAGGVALNRRLRDMVTNMAREAGIRSYLTDREYCMDNGIMIAQAALLMYKSGVRMSVEETAVNPRF
RIDEVDAPWITDAS
;
A,B
2 'polypeptide(L)'
;GAMDPMKAKRVQAKIEMEFPSEDVAKVVYEAVLYEHLSVPYRRSEIDFKLEGKKIILDIKATDSSALRGTVNSYLRWIKA
AIDVIEV
;
C,D,E,F
#
# COMPACT_ATOMS: atom_id res chain seq x y z
N ALA A 2 22.72 17.71 51.82
CA ALA A 2 23.31 16.63 51.04
C ALA A 2 22.80 16.66 49.60
N MET A 3 23.43 15.86 48.74
CA MET A 3 22.93 15.71 47.37
C MET A 3 21.80 14.69 47.35
N ASP A 4 20.58 15.18 47.21
CA ASP A 4 19.38 14.35 47.23
C ASP A 4 19.55 13.20 46.24
N PRO A 5 18.87 12.06 46.49
CA PRO A 5 18.86 10.98 45.50
C PRO A 5 18.49 11.50 44.11
N MET A 6 19.47 11.46 43.20
CA MET A 6 19.35 12.03 41.86
C MET A 6 18.41 11.23 40.96
N ILE A 7 17.34 11.88 40.48
CA ILE A 7 16.28 11.19 39.71
C ILE A 7 16.30 11.49 38.22
N VAL A 8 16.14 10.45 37.41
CA VAL A 8 16.07 10.59 35.95
C VAL A 8 14.79 10.00 35.36
N LEU A 9 14.40 10.51 34.18
CA LEU A 9 13.30 9.94 33.42
C LEU A 9 13.76 9.57 32.01
N GLY A 10 13.48 8.34 31.59
CA GLY A 10 13.95 7.85 30.31
C GLY A 10 12.88 7.64 29.25
N LEU A 11 13.20 8.05 28.03
CA LEU A 11 12.29 7.85 26.90
C LEU A 11 12.91 6.99 25.80
N GLU A 12 12.33 5.81 25.60
CA GLU A 12 12.74 4.90 24.54
C GLU A 12 11.73 4.92 23.41
N GLY A 13 12.22 5.09 22.19
CA GLY A 13 11.37 5.10 21.01
C GLY A 13 12.16 5.02 19.72
N THR A 14 12.97 3.97 19.57
CA THR A 14 13.77 3.79 18.38
C THR A 14 13.02 3.02 17.30
N ALA A 15 12.32 1.97 17.72
CA ALA A 15 11.57 1.12 16.80
C ALA A 15 10.06 1.20 17.01
N HIS A 16 9.49 0.11 17.55
CA HIS A 16 8.04 0.02 17.69
C HIS A 16 7.59 0.25 19.13
N THR A 17 8.48 0.02 20.08
CA THR A 17 8.17 0.24 21.47
C THR A 17 8.38 1.70 21.85
N ILE A 18 7.32 2.32 22.36
CA ILE A 18 7.44 3.62 23.02
C ILE A 18 7.22 3.45 24.53
N SER A 19 8.28 3.69 25.30
CA SER A 19 8.24 3.51 26.74
C SER A 19 8.89 4.66 27.48
N CYS A 20 8.48 4.85 28.72
CA CYS A 20 9.05 5.89 29.58
C CYS A 20 9.36 5.34 30.98
N GLY A 21 10.63 5.44 31.37
CA GLY A 21 11.06 4.98 32.68
C GLY A 21 11.42 6.11 33.62
N ILE A 22 11.50 5.79 34.90
CA ILE A 22 11.93 6.74 35.94
C ILE A 22 12.68 6.00 37.02
N ILE A 23 13.91 6.43 37.29
CA ILE A 23 14.75 5.77 38.27
C ILE A 23 15.52 6.81 39.07
N ASP A 24 16.21 6.34 40.09
CA ASP A 24 17.28 7.10 40.72
C ASP A 24 18.39 6.11 41.08
N GLU A 25 19.38 6.57 41.83
CA GLU A 25 20.56 5.74 42.14
C GLU A 25 20.19 4.34 42.61
N SER A 26 19.18 4.26 43.46
CA SER A 26 18.88 3.03 44.16
C SER A 26 17.54 2.46 43.73
N ARG A 27 16.78 3.23 42.96
CA ARG A 27 15.41 2.83 42.66
C ARG A 27 14.96 2.83 41.21
N ILE A 28 13.84 2.17 40.98
CA ILE A 28 13.25 2.01 39.66
C ILE A 28 11.80 2.47 39.73
N LEU A 29 11.62 3.72 40.14
CA LEU A 29 10.32 4.24 40.54
C LEU A 29 9.13 3.97 39.61
N ALA A 30 9.38 3.87 38.31
CA ALA A 30 8.29 3.72 37.35
C ALA A 30 8.77 3.24 36.00
N MET A 31 7.87 2.61 35.24
CA MET A 31 8.15 2.25 33.85
C MET A 31 7.06 1.43 33.14
N GLU A 32 6.56 1.95 32.02
CA GLU A 32 5.64 1.21 31.16
C GLU A 32 5.84 1.59 29.70
N SER A 33 5.52 0.65 28.81
CA SER A 33 5.68 0.86 27.38
C SER A 33 4.36 0.77 26.62
N SER A 34 4.39 1.24 25.38
CA SER A 34 3.27 1.04 24.49
C SER A 34 3.83 0.50 23.18
N MET A 35 3.68 -0.80 22.98
CA MET A 35 4.24 -1.44 21.80
C MET A 35 3.27 -1.27 20.63
N TYR A 36 3.82 -0.86 19.48
CA TYR A 36 3.04 -0.82 18.26
C TYR A 36 2.98 -2.24 17.72
N ARG A 37 1.78 -2.81 17.72
CA ARG A 37 1.57 -4.18 17.27
C ARG A 37 0.98 -4.21 15.87
N PRO A 38 1.83 -4.43 14.85
CA PRO A 38 1.39 -4.55 13.46
C PRO A 38 1.00 -5.99 13.18
N LYS A 39 -0.30 -6.29 13.20
CA LYS A 39 -0.77 -7.63 12.90
C LYS A 39 -0.08 -8.20 11.67
N THR A 40 0.23 -7.31 10.72
CA THR A 40 0.95 -7.68 9.51
C THR A 40 2.25 -8.41 9.81
N GLY A 41 3.34 -7.64 9.96
CA GLY A 41 4.65 -8.21 10.18
C GLY A 41 5.71 -7.43 9.44
N GLY A 42 6.91 -7.40 10.00
CA GLY A 42 8.03 -6.68 9.39
C GLY A 42 7.98 -5.19 9.67
N ILE A 43 9.03 -4.49 9.26
CA ILE A 43 9.13 -3.05 9.48
C ILE A 43 7.94 -2.28 8.93
N ARG A 44 7.48 -1.28 9.68
CA ARG A 44 6.41 -0.40 9.23
C ARG A 44 6.58 1.01 9.81
N PRO A 45 7.63 1.71 9.36
CA PRO A 45 8.15 2.98 9.92
C PRO A 45 7.11 4.07 10.12
N LEU A 46 6.48 4.51 9.04
CA LEU A 46 5.50 5.59 9.10
C LEU A 46 4.33 5.27 10.03
N ASP A 47 3.94 3.99 10.07
CA ASP A 47 2.87 3.54 10.95
C ASP A 47 3.31 3.58 12.41
N ALA A 48 4.59 3.28 12.63
CA ALA A 48 5.14 3.22 13.98
C ALA A 48 5.10 4.58 14.65
N ALA A 49 5.70 5.56 14.00
CA ALA A 49 5.75 6.92 14.54
C ALA A 49 4.36 7.39 14.97
N VAL A 50 3.38 7.16 14.11
CA VAL A 50 2.01 7.59 14.38
C VAL A 50 1.47 6.89 15.62
N HIS A 51 1.77 5.60 15.76
CA HIS A 51 1.37 4.90 16.97
C HIS A 51 1.88 5.72 18.14
N HIS A 52 3.20 5.77 18.26
CA HIS A 52 3.87 6.56 19.28
C HIS A 52 3.19 7.91 19.47
N SER A 53 3.32 8.76 18.46
CA SER A 53 2.76 10.11 18.45
C SER A 53 1.46 10.26 19.26
N GLU A 54 0.62 9.22 19.26
CA GLU A 54 -0.67 9.30 19.93
C GLU A 54 -0.67 8.75 21.37
N VAL A 55 0.30 7.92 21.72
CA VAL A 55 0.33 7.32 23.06
C VAL A 55 1.53 7.78 23.90
N ILE A 56 2.46 8.50 23.27
CA ILE A 56 3.61 9.03 23.99
C ILE A 56 3.07 9.93 25.09
N ASP A 57 1.96 10.59 24.78
CA ASP A 57 1.29 11.46 25.73
C ASP A 57 1.05 10.70 27.03
N THR A 58 0.37 9.55 26.91
CA THR A 58 -0.11 8.81 28.08
C THR A 58 0.97 7.99 28.80
N VAL A 59 2.07 7.67 28.12
CA VAL A 59 3.12 6.88 28.77
C VAL A 59 3.90 7.70 29.78
N ILE A 60 4.49 8.81 29.31
CA ILE A 60 5.30 9.65 30.18
C ILE A 60 4.48 10.17 31.36
N SER A 61 3.17 10.21 31.20
CA SER A 61 2.30 10.80 32.21
C SER A 61 1.74 9.76 33.18
N ARG A 62 1.53 8.54 32.69
CA ARG A 62 1.10 7.47 33.55
C ARG A 62 2.27 7.11 34.45
N ALA A 63 3.47 7.23 33.89
CA ALA A 63 4.72 6.97 34.60
C ALA A 63 4.87 7.81 35.86
N LEU A 64 4.76 9.13 35.72
CA LEU A 64 4.88 10.04 36.85
C LEU A 64 3.99 9.55 37.97
N GLU A 65 2.77 9.13 37.61
CA GLU A 65 1.82 8.57 38.56
C GLU A 65 2.39 7.32 39.22
N LYS A 66 3.03 6.48 38.42
CA LYS A 66 3.71 5.31 38.93
C LYS A 66 4.68 5.70 40.04
N ALA A 67 5.76 6.37 39.64
CA ALA A 67 6.79 6.83 40.57
C ALA A 67 6.19 7.58 41.76
N LYS A 68 4.92 7.97 41.63
CA LYS A 68 4.22 8.69 42.67
C LYS A 68 5.10 9.84 43.18
N ILE A 69 5.95 10.33 42.30
CA ILE A 69 6.85 11.42 42.64
C ILE A 69 6.30 12.69 42.00
N SER A 70 6.50 13.82 42.66
CA SER A 70 6.08 15.11 42.13
C SER A 70 6.81 15.40 40.83
N ILE A 71 6.15 16.13 39.93
CA ILE A 71 6.73 16.41 38.61
C ILE A 71 7.99 17.27 38.73
N HIS A 72 8.03 18.11 39.76
CA HIS A 72 9.21 18.93 40.06
C HIS A 72 10.43 18.06 40.37
N ASP A 73 10.18 16.83 40.83
CA ASP A 73 11.25 15.97 41.34
C ASP A 73 12.20 15.40 40.28
N ILE A 74 11.75 15.37 39.03
CA ILE A 74 12.60 14.87 37.96
C ILE A 74 13.79 15.81 37.76
N ASP A 75 14.98 15.22 37.67
CA ASP A 75 16.21 16.00 37.52
C ASP A 75 16.68 16.04 36.08
N LEU A 76 16.85 14.86 35.49
CA LEU A 76 17.35 14.77 34.13
C LEU A 76 16.28 14.18 33.21
N ILE A 77 16.52 14.30 31.91
CA ILE A 77 15.62 13.76 30.89
C ILE A 77 16.41 13.10 29.75
N GLY A 78 16.56 11.78 29.83
CA GLY A 78 17.28 11.04 28.83
C GLY A 78 16.37 10.38 27.82
N PHE A 79 16.54 10.72 26.55
CA PHE A 79 15.80 10.06 25.48
C PHE A 79 16.72 9.14 24.67
N SER A 80 16.13 8.32 23.81
CA SER A 80 16.92 7.42 22.97
C SER A 80 17.18 8.03 21.60
N MET A 81 18.27 8.80 21.49
CA MET A 81 18.66 9.36 20.21
C MET A 81 19.33 8.29 19.37
N GLY A 82 19.58 7.15 20.00
CA GLY A 82 20.36 6.07 19.41
C GLY A 82 19.88 5.56 18.07
N PRO A 83 20.43 4.42 17.64
CA PRO A 83 20.12 3.81 16.34
C PRO A 83 18.65 3.45 16.24
N GLY A 84 18.05 3.58 15.06
CA GLY A 84 16.66 3.21 14.91
C GLY A 84 15.94 3.77 13.69
N LEU A 85 14.62 3.79 13.79
CA LEU A 85 13.78 4.24 12.68
C LEU A 85 13.55 5.74 12.76
N ALA A 86 13.89 6.43 11.67
CA ALA A 86 13.83 7.89 11.63
C ALA A 86 12.52 8.44 12.22
N PRO A 87 11.38 8.09 11.60
CA PRO A 87 10.10 8.64 12.06
C PRO A 87 9.93 8.58 13.58
N SER A 88 10.26 7.43 14.17
CA SER A 88 10.12 7.20 15.60
C SER A 88 11.10 8.06 16.41
N LEU A 89 12.37 8.04 16.01
CA LEU A 89 13.42 8.77 16.73
C LEU A 89 13.09 10.26 16.85
N ARG A 90 12.61 10.85 15.76
CA ARG A 90 12.27 12.27 15.75
C ARG A 90 11.09 12.56 16.65
N VAL A 91 10.16 11.60 16.73
CA VAL A 91 9.00 11.73 17.61
C VAL A 91 9.46 11.73 19.04
N THR A 92 10.35 10.80 19.39
CA THR A 92 10.87 10.74 20.75
C THR A 92 11.68 11.99 21.02
N ALA A 93 12.67 12.25 20.16
CA ALA A 93 13.51 13.44 20.27
C ALA A 93 12.65 14.68 20.56
N THR A 94 11.67 14.92 19.71
CA THR A 94 10.78 16.08 19.89
C THR A 94 10.10 16.09 21.26
N ALA A 95 9.33 15.04 21.54
CA ALA A 95 8.67 14.85 22.83
C ALA A 95 9.55 15.21 24.02
N ALA A 96 10.81 14.75 24.00
CA ALA A 96 11.76 15.03 25.07
C ALA A 96 12.12 16.50 25.11
N ARG A 97 12.63 17.00 23.99
CA ARG A 97 12.97 18.41 23.86
C ARG A 97 11.88 19.31 24.43
N THR A 98 10.64 18.87 24.36
CA THR A 98 9.55 19.60 25.00
C THR A 98 9.44 19.34 26.51
N ILE A 99 9.42 18.07 26.91
CA ILE A 99 9.28 17.77 28.34
C ILE A 99 10.36 18.47 29.14
N SER A 100 11.57 18.50 28.58
CA SER A 100 12.70 19.15 29.24
C SER A 100 12.34 20.60 29.54
N VAL A 101 11.68 21.24 28.58
CA VAL A 101 11.25 22.61 28.74
C VAL A 101 10.07 22.69 29.72
N LEU A 102 9.02 21.92 29.43
CA LEU A 102 7.83 21.86 30.27
C LEU A 102 8.15 21.72 31.77
N THR A 103 9.13 20.88 32.11
CA THR A 103 9.51 20.62 33.50
C THR A 103 10.72 21.43 33.96
N GLY A 104 11.44 22.00 33.00
CA GLY A 104 12.54 22.91 33.30
C GLY A 104 13.76 22.28 33.90
N LYS A 105 14.34 21.30 33.21
CA LYS A 105 15.52 20.58 33.66
C LYS A 105 16.47 20.31 32.47
N PRO A 106 17.64 19.70 32.73
CA PRO A 106 18.58 19.41 31.63
C PRO A 106 18.12 18.26 30.76
N ILE A 107 18.99 17.79 29.86
CA ILE A 107 18.64 16.69 28.96
C ILE A 107 19.84 16.15 28.17
N ILE A 108 19.91 14.83 28.04
CA ILE A 108 20.95 14.23 27.20
C ILE A 108 20.40 13.11 26.31
N GLY A 109 21.01 12.97 25.13
CA GLY A 109 20.67 11.90 24.22
C GLY A 109 21.41 10.64 24.59
N VAL A 110 20.68 9.53 24.70
CA VAL A 110 21.28 8.26 25.04
C VAL A 110 21.47 7.41 23.79
N ASN A 111 22.41 6.47 23.84
CA ASN A 111 22.54 5.46 22.81
C ASN A 111 21.67 4.26 23.16
N HIS A 112 21.05 3.65 22.16
CA HIS A 112 20.04 2.63 22.42
C HIS A 112 20.53 1.33 23.07
N PRO A 113 21.49 0.64 22.43
CA PRO A 113 21.95 -0.65 22.95
C PRO A 113 22.70 -0.50 24.29
N LEU A 114 23.30 0.67 24.48
CA LEU A 114 23.94 1.00 25.75
C LEU A 114 22.98 0.70 26.89
N GLY A 115 21.77 1.23 26.76
CA GLY A 115 20.71 1.02 27.74
C GLY A 115 20.46 -0.45 28.03
N HIS A 116 20.55 -1.28 27.00
CA HIS A 116 20.38 -2.72 27.17
C HIS A 116 21.50 -3.28 28.05
N ILE A 117 22.71 -2.80 27.86
CA ILE A 117 23.84 -3.23 28.67
C ILE A 117 23.67 -2.75 30.10
N GLU A 118 23.57 -1.44 30.27
CA GLU A 118 23.55 -0.83 31.58
C GLU A 118 22.36 -1.23 32.46
N ILE A 119 21.20 -1.42 31.83
CA ILE A 119 20.02 -1.85 32.58
C ILE A 119 20.17 -3.30 32.99
N GLY A 120 20.77 -4.11 32.11
CA GLY A 120 21.02 -5.49 32.39
C GLY A 120 22.11 -5.62 33.43
N ARG A 121 23.20 -4.87 33.19
CA ARG A 121 24.30 -4.79 34.13
C ARG A 121 23.76 -4.37 35.49
N ARG A 122 22.99 -3.28 35.53
CA ARG A 122 22.36 -2.84 36.76
C ARG A 122 21.59 -3.98 37.44
N VAL A 123 20.60 -4.51 36.72
CA VAL A 123 19.69 -5.51 37.29
C VAL A 123 20.39 -6.73 37.89
N THR A 124 21.59 -7.05 37.40
CA THR A 124 22.31 -8.26 37.84
C THR A 124 23.46 -8.02 38.82
N GLY A 125 24.21 -6.94 38.60
CA GLY A 125 25.31 -6.60 39.46
C GLY A 125 26.64 -6.96 38.81
N ALA A 126 26.63 -7.09 37.50
CA ALA A 126 27.83 -7.39 36.74
C ALA A 126 28.71 -6.13 36.68
N ILE A 127 30.02 -6.31 36.85
CA ILE A 127 30.94 -5.17 36.88
C ILE A 127 31.48 -4.80 35.51
N ASP A 128 31.67 -5.80 34.65
CA ASP A 128 32.20 -5.55 33.32
C ASP A 128 32.02 -6.81 32.49
N PRO A 129 30.78 -7.07 32.04
CA PRO A 129 30.41 -8.30 31.36
C PRO A 129 30.58 -8.20 29.85
N VAL A 130 30.41 -9.32 29.17
CA VAL A 130 30.27 -9.34 27.72
C VAL A 130 28.79 -9.42 27.41
N MET A 131 28.35 -8.71 26.38
CA MET A 131 26.94 -8.61 26.05
C MET A 131 26.57 -9.34 24.76
N LEU A 132 25.42 -9.99 24.78
CA LEU A 132 24.87 -10.66 23.62
C LEU A 132 23.60 -9.96 23.15
N TYR A 133 23.75 -9.04 22.20
CA TYR A 133 22.62 -8.28 21.67
C TYR A 133 21.96 -9.04 20.54
N VAL A 134 20.76 -9.55 20.80
CA VAL A 134 20.02 -10.32 19.81
C VAL A 134 18.59 -9.83 19.68
N SER A 135 18.39 -8.74 18.94
CA SER A 135 17.07 -8.18 18.77
C SER A 135 16.53 -8.46 17.37
N GLY A 136 15.97 -7.43 16.75
CA GLY A 136 15.29 -7.59 15.46
C GLY A 136 16.21 -8.03 14.35
N GLY A 137 16.97 -7.06 13.82
CA GLY A 137 17.94 -7.34 12.78
C GLY A 137 19.33 -7.16 13.34
N ASN A 138 19.42 -7.23 14.67
CA ASN A 138 20.70 -7.08 15.35
C ASN A 138 21.20 -8.39 15.96
N THR A 139 22.32 -8.88 15.44
CA THR A 139 23.07 -9.89 16.15
C THR A 139 24.43 -9.27 16.47
N GLN A 140 24.58 -8.90 17.73
CA GLN A 140 25.74 -8.17 18.21
C GLN A 140 26.36 -8.91 19.38
N VAL A 141 27.67 -8.91 19.46
CA VAL A 141 28.37 -9.32 20.67
C VAL A 141 29.35 -8.20 21.07
N ILE A 142 29.06 -7.54 22.18
CA ILE A 142 29.76 -6.31 22.52
C ILE A 142 30.39 -6.36 23.90
N ALA A 143 31.46 -5.59 24.08
CA ALA A 143 32.17 -5.55 25.36
C ALA A 143 32.87 -4.21 25.59
N HIS A 144 32.95 -3.79 26.85
CA HIS A 144 33.69 -2.59 27.20
C HIS A 144 35.18 -2.88 27.23
N VAL A 145 35.91 -2.29 26.29
CA VAL A 145 37.35 -2.53 26.20
C VAL A 145 38.18 -1.25 26.26
N ASN A 146 38.12 -0.43 25.22
CA ASN A 146 38.91 0.80 25.21
C ASN A 146 38.16 2.03 25.74
N GLY A 147 37.77 1.97 27.00
CA GLY A 147 37.06 3.08 27.63
C GLY A 147 35.74 3.38 26.94
N ARG A 148 35.35 2.47 26.06
CA ARG A 148 34.10 2.57 25.32
C ARG A 148 33.64 1.17 24.96
N TYR A 149 32.34 1.01 24.75
CA TYR A 149 31.79 -0.28 24.39
C TYR A 149 32.09 -0.60 22.92
N ARG A 150 32.81 -1.70 22.70
CA ARG A 150 33.30 -2.06 21.39
C ARG A 150 32.51 -3.24 20.82
N VAL A 151 32.10 -3.14 19.55
CA VAL A 151 31.43 -4.26 18.90
C VAL A 151 32.46 -5.20 18.29
N LEU A 152 32.44 -6.46 18.72
CA LEU A 152 33.47 -7.41 18.33
C LEU A 152 33.05 -8.25 17.12
N GLY A 153 31.91 -8.92 17.23
CA GLY A 153 31.38 -9.70 16.15
C GLY A 153 29.94 -9.32 15.86
N GLU A 154 29.45 -9.75 14.70
CA GLU A 154 28.06 -9.48 14.31
C GLU A 154 27.64 -10.21 13.05
N THR A 155 26.33 -10.23 12.82
CA THR A 155 25.78 -10.84 11.63
C THR A 155 26.15 -10.01 10.41
N LEU A 156 26.61 -10.70 9.36
CA LEU A 156 27.06 -10.03 8.14
C LEU A 156 25.92 -9.97 7.14
N ASP A 157 24.89 -10.77 7.37
CA ASP A 157 23.73 -10.77 6.51
C ASP A 157 22.48 -10.41 7.30
N ILE A 158 21.88 -11.39 7.98
CA ILE A 158 20.58 -11.19 8.62
C ILE A 158 20.59 -11.38 10.14
N GLY A 159 20.04 -10.40 10.84
CA GLY A 159 19.83 -10.50 12.29
C GLY A 159 19.05 -11.76 12.60
N ILE A 160 19.60 -12.57 13.50
CA ILE A 160 19.02 -13.88 13.83
C ILE A 160 17.51 -13.85 14.01
N GLY A 161 16.99 -12.74 14.56
CA GLY A 161 15.58 -12.60 14.83
C GLY A 161 14.69 -12.62 13.61
N ASN A 162 15.17 -12.02 12.52
CA ASN A 162 14.41 -11.97 11.26
C ASN A 162 14.41 -13.30 10.52
N MET A 163 15.57 -13.95 10.46
CA MET A 163 15.67 -15.27 9.85
C MET A 163 14.64 -16.20 10.51
N ILE A 164 14.50 -16.06 11.82
CA ILE A 164 13.48 -16.80 12.55
C ILE A 164 12.09 -16.49 12.02
N ASP A 165 11.77 -15.21 11.91
CA ASP A 165 10.42 -14.78 11.55
C ASP A 165 10.07 -14.95 10.06
N LYS A 166 11.08 -14.84 9.19
CA LYS A 166 10.84 -15.02 7.76
C LYS A 166 10.79 -16.49 7.35
N PHE A 167 10.99 -17.38 8.31
CA PHE A 167 10.73 -18.79 8.10
C PHE A 167 9.30 -19.09 8.55
N ALA A 168 8.90 -18.53 9.67
CA ALA A 168 7.53 -18.64 10.13
C ALA A 168 6.61 -18.05 9.08
N ARG A 169 7.02 -16.92 8.52
CA ARG A 169 6.25 -16.25 7.49
C ARG A 169 6.57 -16.79 6.10
N GLU A 170 7.05 -18.03 6.07
CA GLU A 170 7.20 -18.77 4.83
C GLU A 170 6.71 -20.19 5.11
N ALA A 171 6.51 -20.47 6.39
CA ALA A 171 5.93 -21.74 6.81
C ALA A 171 4.52 -21.48 7.34
N GLY A 172 3.88 -20.45 6.78
CA GLY A 172 2.51 -20.10 7.13
C GLY A 172 2.24 -20.02 8.63
N ILE A 173 2.58 -18.89 9.24
CA ILE A 173 2.35 -18.69 10.66
C ILE A 173 2.11 -17.21 10.96
N PRO A 174 1.10 -16.93 11.82
CA PRO A 174 0.86 -15.55 12.29
C PRO A 174 2.16 -14.89 12.70
N PHE A 175 2.24 -13.58 12.58
CA PHE A 175 3.49 -12.87 12.85
C PHE A 175 4.00 -12.96 14.30
N PRO A 176 3.20 -13.51 15.23
CA PRO A 176 3.83 -13.96 16.47
C PRO A 176 4.80 -15.12 16.18
N GLY A 177 5.73 -14.88 15.27
CA GLY A 177 6.60 -15.91 14.73
C GLY A 177 7.52 -16.60 15.72
N GLY A 178 8.23 -15.82 16.51
CA GLY A 178 9.22 -16.34 17.44
C GLY A 178 8.75 -17.54 18.24
N PRO A 179 8.05 -17.30 19.34
CA PRO A 179 7.55 -18.32 20.29
C PRO A 179 6.78 -19.44 19.61
N GLU A 180 6.08 -19.15 18.51
CA GLU A 180 5.32 -20.17 17.79
C GLU A 180 6.26 -21.27 17.28
N ILE A 181 7.51 -20.91 17.02
CA ILE A 181 8.52 -21.84 16.53
C ILE A 181 9.37 -22.37 17.67
N GLU A 182 9.32 -21.66 18.79
CA GLU A 182 10.02 -22.04 20.00
C GLU A 182 9.33 -23.25 20.63
N LYS A 183 8.07 -23.06 21.02
CA LYS A 183 7.22 -24.16 21.46
C LYS A 183 6.76 -24.97 20.25
N LEU A 184 7.70 -25.22 19.34
CA LEU A 184 7.45 -26.02 18.16
C LEU A 184 8.65 -26.92 17.97
N ALA A 185 9.83 -26.37 18.27
CA ALA A 185 11.08 -27.11 18.21
C ALA A 185 11.13 -28.12 19.35
N MET A 186 10.11 -28.11 20.20
CA MET A 186 10.00 -29.06 21.30
C MET A 186 9.83 -30.47 20.74
N LYS A 187 8.80 -30.66 19.92
CA LYS A 187 8.48 -31.97 19.35
C LYS A 187 9.39 -32.33 18.18
N GLY A 188 10.57 -31.70 18.12
CA GLY A 188 11.54 -32.03 17.10
C GLY A 188 12.21 -33.36 17.43
N THR A 189 12.17 -34.31 16.50
CA THR A 189 12.76 -35.62 16.76
C THR A 189 14.20 -35.73 16.30
N LYS A 190 14.46 -35.37 15.04
CA LYS A 190 15.82 -35.44 14.50
C LYS A 190 16.38 -34.07 14.14
N LEU A 191 17.70 -34.03 13.98
CA LEU A 191 18.41 -32.82 13.60
C LEU A 191 18.80 -32.90 12.13
N LEU A 192 18.25 -31.99 11.32
CA LEU A 192 18.63 -31.91 9.91
C LEU A 192 19.93 -31.10 9.80
N ASP A 193 20.40 -30.87 8.58
CA ASP A 193 21.71 -30.23 8.41
C ASP A 193 21.61 -28.78 7.94
N LEU A 194 22.27 -27.88 8.67
CA LEU A 194 22.19 -26.45 8.39
C LEU A 194 23.55 -25.78 8.34
N PRO A 195 23.75 -24.92 7.32
CA PRO A 195 25.03 -24.23 7.06
C PRO A 195 25.54 -23.45 8.27
N TYR A 196 26.48 -24.05 8.99
CA TYR A 196 27.04 -23.44 10.19
C TYR A 196 28.15 -22.46 9.84
N SER A 197 27.84 -21.18 9.93
CA SER A 197 28.78 -20.14 9.51
C SER A 197 29.19 -19.17 10.63
N VAL A 198 30.24 -19.55 11.35
CA VAL A 198 30.95 -18.62 12.21
C VAL A 198 32.33 -18.37 11.59
N LYS A 199 32.84 -17.15 11.73
CA LYS A 199 34.12 -16.79 11.14
C LYS A 199 34.68 -15.61 11.91
N GLY A 200 35.68 -15.87 12.75
CA GLY A 200 36.06 -14.89 13.76
C GLY A 200 34.87 -14.83 14.71
N MET A 201 34.57 -13.66 15.25
CA MET A 201 33.40 -13.52 16.11
C MET A 201 32.19 -13.01 15.33
N ASP A 202 32.21 -13.19 14.01
CA ASP A 202 31.09 -12.79 13.17
C ASP A 202 30.34 -13.99 12.63
N THR A 203 29.08 -13.77 12.25
CA THR A 203 28.19 -14.84 11.81
C THR A 203 27.38 -14.47 10.56
N ALA A 204 26.78 -15.50 9.95
CA ALA A 204 25.92 -15.34 8.79
C ALA A 204 24.68 -16.23 8.98
N PHE A 205 23.55 -15.79 8.44
CA PHE A 205 22.31 -16.51 8.67
C PHE A 205 21.50 -16.81 7.42
N SER A 206 21.77 -16.08 6.34
CA SER A 206 21.10 -16.34 5.08
C SER A 206 21.20 -17.83 4.75
N GLY A 207 22.40 -18.37 4.93
CA GLY A 207 22.65 -19.76 4.64
C GLY A 207 21.65 -20.67 5.34
N ILE A 208 21.48 -20.48 6.64
CA ILE A 208 20.58 -21.30 7.43
C ILE A 208 19.17 -21.30 6.83
N LEU A 209 18.66 -20.10 6.57
CA LEU A 209 17.29 -19.92 6.09
C LEU A 209 16.99 -20.70 4.82
N THR A 210 17.74 -20.40 3.76
CA THR A 210 17.49 -20.99 2.44
C THR A 210 17.56 -22.52 2.49
N ALA A 211 18.58 -23.03 3.17
CA ALA A 211 18.74 -24.47 3.34
C ALA A 211 17.58 -25.05 4.13
N ALA A 212 16.94 -24.20 4.95
CA ALA A 212 15.79 -24.62 5.75
C ALA A 212 14.50 -24.61 4.93
N LEU A 213 14.36 -23.60 4.08
CA LEU A 213 13.20 -23.51 3.20
C LEU A 213 13.23 -24.64 2.17
N GLN A 214 14.43 -24.96 1.68
CA GLN A 214 14.58 -26.04 0.70
C GLN A 214 14.22 -27.39 1.32
N TYR A 215 14.50 -27.54 2.61
CA TYR A 215 14.11 -28.73 3.34
C TYR A 215 12.59 -28.75 3.51
N LEU A 216 12.01 -27.57 3.62
CA LEU A 216 10.58 -27.44 3.90
C LEU A 216 9.76 -28.04 2.76
N LYS A 217 9.96 -27.52 1.56
CA LYS A 217 9.23 -27.98 0.39
C LYS A 217 9.52 -29.45 0.10
N THR A 218 10.71 -29.88 0.51
CA THR A 218 11.08 -31.29 0.39
C THR A 218 10.02 -32.14 1.11
N GLY A 219 9.14 -31.46 1.84
CA GLY A 219 8.15 -32.13 2.67
C GLY A 219 8.69 -32.78 3.93
N GLN A 220 9.67 -32.15 4.56
CA GLN A 220 10.20 -32.64 5.82
C GLN A 220 9.24 -32.27 6.92
N ALA A 221 9.59 -32.64 8.14
CA ALA A 221 8.81 -32.18 9.29
C ALA A 221 9.08 -30.69 9.48
N ILE A 222 8.28 -30.03 10.30
CA ILE A 222 8.50 -28.63 10.61
C ILE A 222 9.13 -28.54 11.97
N GLU A 223 8.62 -29.34 12.90
CA GLU A 223 9.16 -29.42 14.25
C GLU A 223 10.63 -29.82 14.16
N ASP A 224 10.96 -30.60 13.13
CA ASP A 224 12.34 -31.00 12.89
C ASP A 224 13.15 -29.82 12.36
N ILE A 225 12.65 -29.16 11.33
CA ILE A 225 13.33 -27.99 10.79
C ILE A 225 13.44 -26.90 11.86
N SER A 226 12.31 -26.56 12.45
CA SER A 226 12.26 -25.56 13.51
C SER A 226 13.23 -25.92 14.64
N TYR A 227 13.27 -27.21 15.00
CA TYR A 227 14.17 -27.67 16.05
C TYR A 227 15.63 -27.54 15.63
N SER A 228 15.93 -27.93 14.40
CA SER A 228 17.30 -27.93 13.92
C SER A 228 17.89 -26.52 13.82
N ILE A 229 17.07 -25.57 13.38
CA ILE A 229 17.51 -24.19 13.19
C ILE A 229 17.98 -23.55 14.47
N GLN A 230 17.27 -23.83 15.56
CA GLN A 230 17.65 -23.29 16.87
C GLN A 230 19.02 -23.81 17.29
N GLU A 231 19.15 -25.12 17.34
CA GLU A 231 20.38 -25.77 17.80
C GLU A 231 21.56 -25.40 16.93
N THR A 232 21.31 -25.17 15.65
CA THR A 232 22.36 -24.84 14.70
C THR A 232 22.83 -23.39 14.82
N ALA A 233 21.88 -22.47 14.98
CA ALA A 233 22.22 -21.06 15.10
C ALA A 233 22.69 -20.67 16.50
N PHE A 234 22.04 -21.24 17.52
CA PHE A 234 22.45 -20.97 18.89
C PHE A 234 23.82 -21.55 19.13
N ALA A 235 24.11 -22.64 18.42
CA ALA A 235 25.45 -23.22 18.41
C ALA A 235 26.44 -22.16 17.95
N MET A 236 26.04 -21.39 16.94
CA MET A 236 26.87 -20.34 16.36
C MET A 236 27.10 -19.16 17.30
N LEU A 237 26.15 -18.90 18.18
CA LEU A 237 26.25 -17.84 19.17
C LEU A 237 27.06 -18.30 20.38
N VAL A 238 26.88 -19.56 20.76
CA VAL A 238 27.57 -20.09 21.92
C VAL A 238 29.07 -20.10 21.68
N GLU A 239 29.47 -20.38 20.45
CA GLU A 239 30.86 -20.37 20.07
C GLU A 239 31.41 -18.95 20.10
N VAL A 240 30.79 -18.07 19.33
CA VAL A 240 31.19 -16.66 19.27
C VAL A 240 31.32 -16.06 20.66
N LEU A 241 30.29 -16.25 21.49
CA LEU A 241 30.33 -15.83 22.88
C LEU A 241 31.60 -16.33 23.57
N GLU A 242 31.67 -17.64 23.78
CA GLU A 242 32.86 -18.25 24.38
C GLU A 242 34.11 -17.50 23.96
N ARG A 243 34.20 -17.23 22.65
CA ARG A 243 35.36 -16.56 22.09
C ARG A 243 35.47 -15.10 22.56
N ALA A 244 34.38 -14.34 22.44
CA ALA A 244 34.35 -12.95 22.86
C ALA A 244 34.86 -12.80 24.28
N LEU A 245 34.45 -13.71 25.14
CA LEU A 245 34.91 -13.70 26.51
C LEU A 245 36.40 -13.79 26.52
N TYR A 246 36.91 -14.97 26.14
CA TYR A 246 38.34 -15.23 26.18
C TYR A 246 39.06 -14.55 25.02
N VAL A 247 38.61 -13.34 24.68
CA VAL A 247 39.36 -12.43 23.83
C VAL A 247 39.58 -11.15 24.61
N SER A 248 38.47 -10.47 24.95
CA SER A 248 38.53 -9.30 25.80
C SER A 248 38.66 -9.69 27.27
N GLY A 249 38.84 -10.99 27.51
CA GLY A 249 39.12 -11.53 28.84
C GLY A 249 38.22 -11.06 29.96
N LYS A 250 37.00 -11.59 30.03
CA LYS A 250 36.05 -11.24 31.08
C LYS A 250 35.33 -12.47 31.62
N ASP A 251 34.67 -12.32 32.77
CA ASP A 251 34.04 -13.46 33.46
C ASP A 251 32.53 -13.32 33.69
N GLU A 252 31.83 -12.70 32.74
CA GLU A 252 30.38 -12.52 32.87
C GLU A 252 29.66 -12.25 31.55
N ILE A 253 28.37 -12.59 31.52
CA ILE A 253 27.55 -12.50 30.30
C ILE A 253 26.20 -11.81 30.51
N LEU A 254 25.69 -11.18 29.47
CA LEU A 254 24.35 -10.61 29.48
C LEU A 254 23.62 -10.77 28.14
N MET A 255 22.37 -11.23 28.20
CA MET A 255 21.53 -11.41 27.02
C MET A 255 20.46 -10.33 26.92
N ALA A 256 20.48 -9.58 25.83
CA ALA A 256 19.49 -8.54 25.61
C ALA A 256 18.84 -8.65 24.23
N GLY A 257 17.51 -8.63 24.20
CA GLY A 257 16.78 -8.61 22.94
C GLY A 257 15.56 -9.50 22.94
N GLY A 258 14.77 -9.36 21.87
CA GLY A 258 13.56 -10.16 21.71
C GLY A 258 13.88 -11.62 21.45
N VAL A 259 15.02 -11.85 20.80
CA VAL A 259 15.53 -13.19 20.59
C VAL A 259 15.95 -13.80 21.92
N ALA A 260 16.50 -12.95 22.80
CA ALA A 260 17.07 -13.38 24.07
C ALA A 260 16.02 -13.92 25.05
N LEU A 261 14.77 -13.96 24.61
CA LEU A 261 13.69 -14.47 25.46
C LEU A 261 13.40 -15.94 25.15
N ASN A 262 14.28 -16.57 24.38
CA ASN A 262 14.11 -17.97 24.02
C ASN A 262 14.54 -18.94 25.11
N ARG A 263 13.60 -19.75 25.57
CA ARG A 263 13.81 -20.70 26.66
C ARG A 263 15.03 -21.61 26.46
N ARG A 264 15.24 -22.06 25.23
CA ARG A 264 16.35 -22.96 24.91
C ARG A 264 17.66 -22.20 24.74
N LEU A 265 17.59 -20.98 24.22
CA LEU A 265 18.77 -20.14 24.11
C LEU A 265 19.37 -19.82 25.47
N ARG A 266 18.50 -19.49 26.42
CA ARG A 266 18.94 -19.25 27.80
C ARG A 266 19.71 -20.45 28.32
N ASP A 267 19.17 -21.65 28.05
CA ASP A 267 19.80 -22.90 28.46
C ASP A 267 21.19 -23.08 27.87
N MET A 268 21.28 -22.97 26.55
CA MET A 268 22.55 -23.17 25.84
C MET A 268 23.62 -22.17 26.28
N VAL A 269 23.20 -21.10 26.96
CA VAL A 269 24.12 -20.08 27.48
C VAL A 269 24.57 -20.42 28.89
N THR A 270 23.61 -20.57 29.80
CA THR A 270 23.94 -20.90 31.18
C THR A 270 24.72 -22.21 31.24
N ASN A 271 24.54 -23.04 30.22
CA ASN A 271 25.29 -24.28 30.10
C ASN A 271 26.74 -23.99 29.76
N MET A 272 26.97 -23.15 28.75
CA MET A 272 28.32 -22.73 28.42
C MET A 272 28.97 -22.08 29.63
N ALA A 273 28.15 -21.46 30.49
CA ALA A 273 28.66 -20.82 31.69
C ALA A 273 29.48 -21.80 32.53
N ARG A 274 28.86 -22.90 32.94
CA ARG A 274 29.55 -23.92 33.72
C ARG A 274 30.88 -24.33 33.07
N GLU A 275 30.86 -24.49 31.76
CA GLU A 275 32.04 -24.98 31.04
C GLU A 275 33.08 -23.89 30.78
N ALA A 276 32.71 -22.64 31.02
CA ALA A 276 33.63 -21.53 30.81
C ALA A 276 34.13 -21.02 32.16
N GLY A 277 33.38 -21.32 33.21
CA GLY A 277 33.76 -20.96 34.57
C GLY A 277 33.45 -19.52 34.92
N ILE A 278 32.46 -18.96 34.23
CA ILE A 278 32.12 -17.54 34.41
C ILE A 278 30.61 -17.29 34.44
N ARG A 279 30.19 -16.30 35.23
CA ARG A 279 28.77 -16.08 35.55
C ARG A 279 27.88 -15.74 34.36
N SER A 280 26.76 -16.45 34.25
CA SER A 280 25.75 -16.20 33.23
C SER A 280 24.52 -15.52 33.82
N TYR A 281 24.66 -14.23 34.14
CA TYR A 281 23.54 -13.45 34.65
C TYR A 281 22.40 -13.42 33.65
N LEU A 282 21.32 -14.13 33.94
CA LEU A 282 20.13 -14.06 33.10
C LEU A 282 19.23 -12.91 33.56
N THR A 283 19.32 -11.79 32.84
CA THR A 283 18.59 -10.57 33.19
C THR A 283 17.09 -10.80 33.32
N ASP A 284 16.45 -9.97 34.13
CA ASP A 284 14.99 -10.01 34.28
C ASP A 284 14.31 -10.28 32.95
N ARG A 285 13.49 -11.32 32.93
CA ARG A 285 12.83 -11.80 31.71
C ARG A 285 12.00 -10.73 30.99
N GLU A 286 11.79 -9.59 31.64
CA GLU A 286 10.95 -8.54 31.06
C GLU A 286 11.76 -7.37 30.50
N TYR A 287 12.97 -7.18 30.99
CA TYR A 287 13.81 -6.07 30.54
C TYR A 287 14.55 -6.40 29.24
N CYS A 288 14.15 -7.48 28.61
CA CYS A 288 14.82 -7.96 27.40
C CYS A 288 14.31 -7.28 26.15
N MET A 289 13.08 -6.78 26.20
CA MET A 289 12.54 -6.00 25.10
C MET A 289 12.85 -4.53 25.33
N ASP A 290 12.49 -3.70 24.35
CA ASP A 290 12.70 -2.25 24.43
C ASP A 290 11.94 -1.62 25.58
N ASN A 291 12.64 -0.90 26.45
CA ASN A 291 12.02 -0.18 27.55
C ASN A 291 12.60 1.23 27.73
N GLY A 292 11.77 2.16 28.17
CA GLY A 292 12.21 3.54 28.29
C GLY A 292 13.20 3.73 29.41
N ILE A 293 13.16 2.84 30.39
CA ILE A 293 13.90 3.01 31.63
C ILE A 293 15.36 2.62 31.49
N MET A 294 15.67 1.76 30.53
CA MET A 294 17.04 1.34 30.25
C MET A 294 17.80 2.53 29.67
N ILE A 295 17.02 3.47 29.12
CA ILE A 295 17.54 4.74 28.65
C ILE A 295 17.91 5.60 29.86
N ALA A 296 16.97 5.73 30.80
CA ALA A 296 17.17 6.50 32.03
C ALA A 296 18.44 6.07 32.75
N GLN A 297 18.71 4.77 32.72
CA GLN A 297 19.86 4.20 33.41
C GLN A 297 21.17 4.57 32.74
N ALA A 298 21.16 4.61 31.41
CA ALA A 298 22.38 4.91 30.66
C ALA A 298 22.65 6.40 30.66
N ALA A 299 21.59 7.18 30.91
CA ALA A 299 21.71 8.62 31.02
C ALA A 299 22.27 8.96 32.39
N LEU A 300 21.63 8.42 33.42
CA LEU A 300 22.09 8.60 34.79
C LEU A 300 23.61 8.54 34.81
N LEU A 301 24.15 7.44 34.27
CA LEU A 301 25.59 7.21 34.26
C LEU A 301 26.35 8.29 33.50
N MET A 302 25.83 8.69 32.35
CA MET A 302 26.47 9.75 31.58
C MET A 302 26.56 11.05 32.39
N TYR A 303 25.42 11.53 32.88
CA TYR A 303 25.38 12.78 33.63
C TYR A 303 26.26 12.73 34.86
N LYS A 304 26.20 11.61 35.58
CA LYS A 304 26.98 11.46 36.81
C LYS A 304 28.48 11.55 36.56
N SER A 305 28.91 11.16 35.37
CA SER A 305 30.31 11.30 35.00
C SER A 305 30.55 12.62 34.28
N GLY A 306 29.65 13.58 34.50
CA GLY A 306 29.86 14.94 34.03
C GLY A 306 29.46 15.24 32.60
N VAL A 307 29.22 14.20 31.82
CA VAL A 307 28.82 14.40 30.43
C VAL A 307 27.46 15.09 30.35
N ARG A 308 27.44 16.25 29.69
CA ARG A 308 26.21 17.02 29.55
C ARG A 308 26.09 17.63 28.15
N MET A 309 24.87 18.03 27.79
CA MET A 309 24.67 18.66 26.49
C MET A 309 23.44 19.57 26.45
N SER A 310 23.69 20.85 26.25
CA SER A 310 22.61 21.82 26.09
C SER A 310 21.68 21.35 24.98
N VAL A 311 20.42 21.78 25.05
CA VAL A 311 19.38 21.25 24.16
C VAL A 311 19.73 21.31 22.68
N GLU A 312 20.28 22.42 22.22
CA GLU A 312 20.52 22.62 20.79
C GLU A 312 21.35 21.51 20.14
N GLU A 313 22.33 21.00 20.87
CA GLU A 313 23.25 20.00 20.35
C GLU A 313 22.52 18.70 20.00
N THR A 314 21.44 18.43 20.73
CA THR A 314 20.71 17.18 20.58
C THR A 314 20.06 17.03 19.21
N ALA A 315 20.08 15.81 18.70
CA ALA A 315 19.44 15.47 17.44
C ALA A 315 19.56 13.97 17.24
N VAL A 316 18.55 13.37 16.63
CA VAL A 316 18.54 11.93 16.39
C VAL A 316 19.77 11.47 15.61
N ASN A 317 20.07 10.18 15.74
CA ASN A 317 21.07 9.54 14.90
C ASN A 317 20.77 8.06 14.68
N PRO A 318 20.07 7.75 13.57
CA PRO A 318 19.65 6.40 13.21
C PRO A 318 20.84 5.48 13.00
N ARG A 319 22.01 6.08 12.83
CA ARG A 319 23.24 5.32 12.60
C ARG A 319 24.23 5.50 13.74
N PHE A 320 23.75 5.36 14.97
CA PHE A 320 24.54 5.67 16.15
C PHE A 320 25.37 4.48 16.65
N ARG A 321 26.67 4.48 16.31
CA ARG A 321 27.60 3.48 16.81
C ARG A 321 27.69 3.55 18.34
N ILE A 322 27.74 2.38 18.98
CA ILE A 322 27.81 2.31 20.43
C ILE A 322 29.22 2.67 20.91
N ASP A 323 30.19 2.47 20.03
CA ASP A 323 31.58 2.82 20.34
C ASP A 323 31.84 4.29 19.99
N GLU A 324 30.76 5.04 19.74
CA GLU A 324 30.87 6.46 19.46
C GLU A 324 30.79 7.22 20.77
N VAL A 325 30.13 6.59 21.74
CA VAL A 325 29.95 7.16 23.07
C VAL A 325 31.01 6.69 24.06
N ASP A 326 31.66 7.63 24.74
CA ASP A 326 32.61 7.29 25.78
C ASP A 326 31.90 6.77 27.02
N ALA A 327 32.31 5.59 27.48
CA ALA A 327 31.72 5.00 28.67
C ALA A 327 32.77 4.85 29.76
N PRO A 328 33.17 5.96 30.39
CA PRO A 328 34.27 5.98 31.36
C PRO A 328 33.81 5.70 32.78
N TRP A 329 33.36 4.49 33.08
CA TRP A 329 32.87 4.19 34.43
C TRP A 329 32.81 2.69 34.75
N ILE A 330 33.92 1.99 34.53
CA ILE A 330 33.97 0.56 34.83
C ILE A 330 35.28 0.18 35.53
N MET B 3 -23.52 -14.74 -48.97
CA MET B 3 -22.41 -14.76 -48.02
C MET B 3 -22.66 -15.72 -46.86
N ASP B 4 -21.62 -16.46 -46.49
CA ASP B 4 -21.67 -17.42 -45.40
C ASP B 4 -22.14 -16.73 -44.13
N PRO B 5 -22.65 -17.49 -43.16
CA PRO B 5 -22.92 -16.92 -41.84
C PRO B 5 -21.71 -16.18 -41.27
N MET B 6 -21.84 -14.87 -41.12
CA MET B 6 -20.73 -13.99 -40.72
C MET B 6 -20.38 -14.12 -39.23
N ILE B 7 -19.14 -14.55 -38.95
CA ILE B 7 -18.71 -14.86 -37.58
C ILE B 7 -17.81 -13.82 -36.94
N VAL B 8 -18.20 -13.37 -35.74
CA VAL B 8 -17.41 -12.42 -34.96
C VAL B 8 -16.93 -12.97 -33.61
N LEU B 9 -15.78 -12.47 -33.14
CA LEU B 9 -15.25 -12.78 -31.82
C LEU B 9 -15.08 -11.50 -31.00
N GLY B 10 -15.62 -11.49 -29.79
CA GLY B 10 -15.61 -10.30 -28.96
C GLY B 10 -14.73 -10.34 -27.73
N LEU B 11 -14.05 -9.22 -27.47
CA LEU B 11 -13.25 -9.07 -26.26
C LEU B 11 -13.75 -7.94 -25.37
N GLU B 12 -14.12 -8.30 -24.14
CA GLU B 12 -14.52 -7.33 -23.14
C GLU B 12 -13.46 -7.28 -22.05
N GLY B 13 -13.11 -6.07 -21.63
CA GLY B 13 -12.14 -5.89 -20.58
C GLY B 13 -11.94 -4.42 -20.24
N THR B 14 -13.00 -3.78 -19.76
CA THR B 14 -12.94 -2.38 -19.35
C THR B 14 -12.62 -2.29 -17.87
N ALA B 15 -13.28 -3.13 -17.09
CA ALA B 15 -13.10 -3.15 -15.64
C ALA B 15 -12.39 -4.41 -15.15
N HIS B 16 -13.11 -5.26 -14.42
CA HIS B 16 -12.49 -6.40 -13.76
C HIS B 16 -12.79 -7.71 -14.46
N THR B 17 -13.80 -7.70 -15.31
CA THR B 17 -14.13 -8.88 -16.09
C THR B 17 -13.43 -8.86 -17.44
N ILE B 18 -12.55 -9.84 -17.63
CA ILE B 18 -12.04 -10.16 -18.96
C ILE B 18 -12.84 -11.34 -19.50
N SER B 19 -13.47 -11.14 -20.66
CA SER B 19 -14.30 -12.18 -21.25
C SER B 19 -14.16 -12.16 -22.77
N CYS B 20 -14.35 -13.34 -23.38
CA CYS B 20 -14.27 -13.48 -24.82
C CYS B 20 -15.50 -14.22 -25.35
N GLY B 21 -16.18 -13.58 -26.30
CA GLY B 21 -17.37 -14.17 -26.91
C GLY B 21 -17.24 -14.46 -28.39
N ILE B 22 -18.11 -15.33 -28.89
CA ILE B 22 -18.16 -15.66 -30.31
C ILE B 22 -19.60 -15.87 -30.76
N ILE B 23 -20.01 -15.16 -31.81
CA ILE B 23 -21.37 -15.26 -32.32
C ILE B 23 -21.38 -15.11 -33.82
N ASP B 24 -22.57 -15.29 -34.39
CA ASP B 24 -22.83 -14.90 -35.76
C ASP B 24 -24.26 -14.38 -35.79
N GLU B 25 -24.80 -14.13 -36.98
CA GLU B 25 -26.15 -13.60 -37.10
C GLU B 25 -27.12 -14.31 -36.17
N SER B 26 -27.08 -15.64 -36.21
CA SER B 26 -28.11 -16.46 -35.61
C SER B 26 -27.65 -17.15 -34.32
N ARG B 27 -26.33 -17.21 -34.12
CA ARG B 27 -25.80 -18.01 -33.02
C ARG B 27 -24.93 -17.33 -31.98
N ILE B 28 -24.76 -18.03 -30.85
CA ILE B 28 -23.94 -17.58 -29.74
C ILE B 28 -22.88 -18.64 -29.45
N LEU B 29 -22.10 -18.98 -30.46
CA LEU B 29 -21.21 -20.14 -30.44
C LEU B 29 -20.38 -20.35 -29.17
N ALA B 30 -19.97 -19.26 -28.51
CA ALA B 30 -19.07 -19.40 -27.36
C ALA B 30 -18.96 -18.14 -26.51
N MET B 31 -18.70 -18.32 -25.22
CA MET B 31 -18.41 -17.19 -24.33
C MET B 31 -18.12 -17.52 -22.85
N GLU B 32 -16.95 -17.08 -22.38
CA GLU B 32 -16.62 -17.21 -20.96
C GLU B 32 -15.75 -16.06 -20.45
N SER B 33 -15.90 -15.75 -19.17
CA SER B 33 -15.14 -14.66 -18.54
C SER B 33 -14.19 -15.15 -17.46
N SER B 34 -13.29 -14.27 -17.06
CA SER B 34 -12.48 -14.49 -15.88
C SER B 34 -12.54 -13.21 -15.05
N MET B 35 -13.29 -13.27 -13.96
CA MET B 35 -13.50 -12.08 -13.14
C MET B 35 -12.36 -11.91 -12.15
N TYR B 36 -11.76 -10.72 -12.13
CA TYR B 36 -10.77 -10.41 -11.12
C TYR B 36 -11.48 -10.15 -9.82
N ARG B 37 -11.32 -11.07 -8.87
CA ARG B 37 -11.97 -10.99 -7.58
C ARG B 37 -11.04 -10.43 -6.51
N PRO B 38 -11.17 -9.14 -6.19
CA PRO B 38 -10.40 -8.49 -5.13
C PRO B 38 -11.12 -8.62 -3.79
N LYS B 39 -10.62 -9.46 -2.89
CA LYS B 39 -11.25 -9.66 -1.59
C LYS B 39 -11.29 -8.33 -0.84
N THR B 40 -10.56 -7.35 -1.36
CA THR B 40 -10.45 -6.04 -0.75
C THR B 40 -11.63 -5.13 -1.08
N GLY B 41 -12.17 -5.29 -2.29
CA GLY B 41 -13.29 -4.51 -2.75
C GLY B 41 -12.82 -3.24 -3.44
N GLY B 42 -13.73 -2.29 -3.66
CA GLY B 42 -13.37 -1.04 -4.30
C GLY B 42 -12.73 -1.18 -5.66
N ILE B 43 -11.96 -0.16 -6.05
CA ILE B 43 -11.27 -0.17 -7.32
C ILE B 43 -9.81 -0.54 -7.10
N ARG B 44 -9.26 -1.33 -8.02
CA ARG B 44 -7.86 -1.76 -7.95
C ARG B 44 -7.25 -1.94 -9.34
N PRO B 45 -7.04 -0.81 -10.05
CA PRO B 45 -6.71 -0.74 -11.48
C PRO B 45 -5.49 -1.57 -11.87
N LEU B 46 -4.34 -1.25 -11.28
CA LEU B 46 -3.10 -1.96 -11.56
C LEU B 46 -3.23 -3.47 -11.34
N ASP B 47 -3.93 -3.87 -10.28
CA ASP B 47 -4.14 -5.27 -9.97
C ASP B 47 -5.02 -5.97 -11.02
N ALA B 48 -6.02 -5.25 -11.50
CA ALA B 48 -6.94 -5.79 -12.48
C ALA B 48 -6.20 -6.13 -13.77
N ALA B 49 -5.41 -5.18 -14.26
CA ALA B 49 -4.67 -5.36 -15.51
C ALA B 49 -3.76 -6.59 -15.46
N VAL B 50 -3.12 -6.82 -14.32
CA VAL B 50 -2.26 -7.97 -14.15
C VAL B 50 -3.10 -9.24 -14.25
N HIS B 51 -4.29 -9.18 -13.68
CA HIS B 51 -5.23 -10.29 -13.78
C HIS B 51 -5.45 -10.58 -15.24
N HIS B 52 -6.05 -9.62 -15.95
CA HIS B 52 -6.30 -9.77 -17.38
C HIS B 52 -5.03 -10.24 -18.10
N SER B 53 -3.90 -9.65 -17.74
CA SER B 53 -2.63 -9.96 -18.38
C SER B 53 -2.32 -11.46 -18.39
N GLU B 54 -2.75 -12.17 -17.36
CA GLU B 54 -2.37 -13.56 -17.20
C GLU B 54 -3.45 -14.59 -17.58
N VAL B 55 -4.68 -14.16 -17.76
CA VAL B 55 -5.76 -15.09 -18.11
C VAL B 55 -6.40 -14.79 -19.47
N ILE B 56 -6.14 -13.61 -20.02
CA ILE B 56 -6.66 -13.25 -21.33
C ILE B 56 -6.25 -14.32 -22.34
N ASP B 57 -5.15 -14.98 -22.03
CA ASP B 57 -4.59 -16.02 -22.89
C ASP B 57 -5.54 -17.21 -22.96
N THR B 58 -6.04 -17.60 -21.79
CA THR B 58 -6.85 -18.80 -21.65
C THR B 58 -8.33 -18.59 -21.96
N VAL B 59 -8.79 -17.34 -21.93
CA VAL B 59 -10.19 -17.07 -22.30
C VAL B 59 -10.37 -17.19 -23.81
N ILE B 60 -9.65 -16.35 -24.55
CA ILE B 60 -9.85 -16.28 -25.99
C ILE B 60 -9.64 -17.64 -26.64
N SER B 61 -8.88 -18.52 -26.00
CA SER B 61 -8.54 -19.81 -26.60
C SER B 61 -9.45 -20.93 -26.12
N ARG B 62 -9.96 -20.79 -24.91
CA ARG B 62 -10.93 -21.75 -24.42
C ARG B 62 -12.23 -21.53 -25.18
N ALA B 63 -12.41 -20.29 -25.63
CA ALA B 63 -13.59 -19.86 -26.38
C ALA B 63 -13.68 -20.50 -27.77
N LEU B 64 -12.53 -20.65 -28.43
CA LEU B 64 -12.50 -21.21 -29.77
C LEU B 64 -12.93 -22.67 -29.69
N GLU B 65 -12.46 -23.36 -28.66
CA GLU B 65 -12.86 -24.72 -28.39
C GLU B 65 -14.37 -24.79 -28.22
N LYS B 66 -14.90 -23.91 -27.37
CA LYS B 66 -16.34 -23.77 -27.19
C LYS B 66 -17.06 -23.81 -28.54
N ALA B 67 -16.96 -22.72 -29.29
CA ALA B 67 -17.59 -22.59 -30.59
C ALA B 67 -17.31 -23.80 -31.48
N LYS B 68 -16.32 -24.59 -31.09
CA LYS B 68 -15.93 -25.78 -31.85
C LYS B 68 -15.75 -25.41 -33.32
N ILE B 69 -15.47 -24.14 -33.57
CA ILE B 69 -15.27 -23.63 -34.92
C ILE B 69 -13.78 -23.48 -35.14
N SER B 70 -13.33 -23.71 -36.37
CA SER B 70 -11.90 -23.56 -36.69
C SER B 70 -11.45 -22.11 -36.50
N ILE B 71 -10.16 -21.92 -36.28
CA ILE B 71 -9.62 -20.59 -36.00
C ILE B 71 -9.62 -19.70 -37.26
N HIS B 72 -9.56 -20.33 -38.43
CA HIS B 72 -9.70 -19.63 -39.70
C HIS B 72 -11.09 -19.00 -39.82
N ASP B 73 -12.07 -19.59 -39.13
CA ASP B 73 -13.47 -19.23 -39.32
C ASP B 73 -13.86 -17.86 -38.75
N ILE B 74 -13.06 -17.33 -37.84
CA ILE B 74 -13.33 -16.00 -37.31
C ILE B 74 -13.15 -14.94 -38.38
N ASP B 75 -14.19 -14.14 -38.60
CA ASP B 75 -14.16 -13.10 -39.62
C ASP B 75 -13.70 -11.78 -39.02
N LEU B 76 -14.40 -11.34 -37.99
CA LEU B 76 -14.15 -10.04 -37.39
C LEU B 76 -13.63 -10.21 -35.97
N ILE B 77 -13.13 -9.10 -35.41
CA ILE B 77 -12.67 -9.06 -34.03
C ILE B 77 -12.99 -7.71 -33.40
N GLY B 78 -14.06 -7.66 -32.61
CA GLY B 78 -14.44 -6.45 -31.91
C GLY B 78 -14.03 -6.50 -30.44
N PHE B 79 -13.19 -5.54 -30.04
CA PHE B 79 -12.78 -5.43 -28.64
C PHE B 79 -13.52 -4.28 -27.97
N SER B 80 -13.34 -4.15 -26.66
CA SER B 80 -13.99 -3.06 -25.92
C SER B 80 -13.03 -1.90 -25.75
N MET B 81 -13.04 -0.97 -26.71
CA MET B 81 -12.22 0.23 -26.60
C MET B 81 -12.90 1.21 -25.67
N GLY B 82 -14.18 0.98 -25.41
CA GLY B 82 -15.05 1.92 -24.72
C GLY B 82 -14.57 2.38 -23.37
N PRO B 83 -15.46 3.04 -22.61
CA PRO B 83 -15.15 3.63 -21.31
C PRO B 83 -14.66 2.56 -20.33
N GLY B 84 -13.70 2.90 -19.47
CA GLY B 84 -13.18 1.95 -18.51
C GLY B 84 -11.88 2.34 -17.83
N LEU B 85 -11.21 1.33 -17.27
CA LEU B 85 -9.96 1.56 -16.54
C LEU B 85 -8.77 1.40 -17.49
N ALA B 86 -7.96 2.45 -17.59
CA ALA B 86 -6.83 2.48 -18.52
C ALA B 86 -6.04 1.16 -18.55
N PRO B 87 -5.52 0.74 -17.38
CA PRO B 87 -4.72 -0.49 -17.33
C PRO B 87 -5.42 -1.72 -17.94
N SER B 88 -6.74 -1.74 -17.87
CA SER B 88 -7.52 -2.84 -18.45
C SER B 88 -7.68 -2.68 -19.97
N LEU B 89 -8.19 -1.52 -20.39
CA LEU B 89 -8.42 -1.23 -21.80
C LEU B 89 -7.18 -1.49 -22.66
N ARG B 90 -6.04 -0.95 -22.24
CA ARG B 90 -4.79 -1.10 -22.99
C ARG B 90 -4.46 -2.57 -23.21
N VAL B 91 -4.67 -3.37 -22.17
CA VAL B 91 -4.42 -4.80 -22.22
C VAL B 91 -5.30 -5.47 -23.26
N THR B 92 -6.59 -5.11 -23.29
CA THR B 92 -7.55 -5.72 -24.21
C THR B 92 -7.34 -5.21 -25.63
N ALA B 93 -7.10 -3.91 -25.75
CA ALA B 93 -6.75 -3.30 -27.03
C ALA B 93 -5.58 -4.08 -27.63
N THR B 94 -4.46 -4.12 -26.90
CA THR B 94 -3.27 -4.85 -27.35
C THR B 94 -3.57 -6.29 -27.78
N ALA B 95 -3.99 -7.12 -26.85
CA ALA B 95 -4.37 -8.51 -27.12
C ALA B 95 -5.15 -8.65 -28.44
N ALA B 96 -6.11 -7.76 -28.64
CA ALA B 96 -6.93 -7.80 -29.86
C ALA B 96 -6.09 -7.46 -31.09
N ARG B 97 -5.38 -6.34 -31.02
CA ARG B 97 -4.47 -5.92 -32.08
C ARG B 97 -3.54 -7.05 -32.51
N THR B 98 -3.25 -7.97 -31.58
CA THR B 98 -2.43 -9.13 -31.93
C THR B 98 -3.25 -10.31 -32.46
N ILE B 99 -4.44 -10.52 -31.93
CA ILE B 99 -5.30 -11.60 -32.43
C ILE B 99 -5.75 -11.31 -33.86
N SER B 100 -6.03 -10.03 -34.14
CA SER B 100 -6.44 -9.63 -35.47
C SER B 100 -5.40 -10.09 -36.48
N VAL B 101 -4.14 -9.88 -36.13
CA VAL B 101 -3.02 -10.24 -36.99
C VAL B 101 -2.77 -11.75 -36.97
N LEU B 102 -2.74 -12.33 -35.78
CA LEU B 102 -2.52 -13.76 -35.62
C LEU B 102 -3.43 -14.58 -36.53
N THR B 103 -4.71 -14.19 -36.60
CA THR B 103 -5.71 -14.89 -37.41
C THR B 103 -5.87 -14.26 -38.80
N GLY B 104 -5.35 -13.05 -38.97
CA GLY B 104 -5.34 -12.38 -40.25
C GLY B 104 -6.70 -11.88 -40.72
N LYS B 105 -7.34 -11.04 -39.90
CA LYS B 105 -8.69 -10.57 -40.15
C LYS B 105 -8.86 -9.09 -39.72
N PRO B 106 -10.03 -8.49 -40.01
CA PRO B 106 -10.30 -7.08 -39.67
C PRO B 106 -10.47 -6.85 -38.17
N ILE B 107 -10.90 -5.66 -37.77
CA ILE B 107 -11.05 -5.32 -36.36
C ILE B 107 -11.64 -3.94 -36.10
N ILE B 108 -12.66 -3.87 -35.24
CA ILE B 108 -13.22 -2.58 -34.83
C ILE B 108 -13.30 -2.45 -33.31
N GLY B 109 -13.19 -1.22 -32.82
CA GLY B 109 -13.37 -0.94 -31.41
C GLY B 109 -14.83 -0.70 -31.09
N VAL B 110 -15.35 -1.41 -30.10
CA VAL B 110 -16.74 -1.26 -29.70
C VAL B 110 -16.87 -0.33 -28.51
N ASN B 111 -18.05 0.24 -28.30
CA ASN B 111 -18.34 1.01 -27.10
C ASN B 111 -18.99 0.12 -26.04
N HIS B 112 -18.51 0.20 -24.80
CA HIS B 112 -18.89 -0.77 -23.77
C HIS B 112 -20.39 -0.89 -23.50
N PRO B 113 -21.04 0.19 -23.05
CA PRO B 113 -22.45 0.12 -22.68
C PRO B 113 -23.32 -0.35 -23.86
N LEU B 114 -23.00 0.14 -25.05
CA LEU B 114 -23.65 -0.29 -26.27
C LEU B 114 -23.76 -1.81 -26.29
N GLY B 115 -22.67 -2.47 -25.93
CA GLY B 115 -22.63 -3.93 -25.84
C GLY B 115 -23.74 -4.47 -24.96
N HIS B 116 -24.02 -3.76 -23.86
CA HIS B 116 -25.07 -4.16 -22.95
C HIS B 116 -26.45 -4.01 -23.59
N ILE B 117 -26.63 -2.92 -24.34
CA ILE B 117 -27.88 -2.67 -25.04
C ILE B 117 -28.14 -3.73 -26.07
N GLU B 118 -27.19 -3.87 -26.99
CA GLU B 118 -27.37 -4.71 -28.16
C GLU B 118 -27.47 -6.19 -27.85
N ILE B 119 -26.77 -6.63 -26.81
CA ILE B 119 -26.85 -8.02 -26.40
C ILE B 119 -28.20 -8.28 -25.73
N GLY B 120 -28.59 -7.38 -24.82
CA GLY B 120 -29.88 -7.45 -24.18
C GLY B 120 -31.00 -7.33 -25.21
N ARG B 121 -30.86 -6.35 -26.10
CA ARG B 121 -31.80 -6.16 -27.19
C ARG B 121 -31.92 -7.45 -28.00
N ARG B 122 -30.78 -7.98 -28.43
CA ARG B 122 -30.76 -9.25 -29.15
C ARG B 122 -31.48 -10.36 -28.41
N VAL B 123 -31.04 -10.62 -27.18
CA VAL B 123 -31.54 -11.73 -26.38
C VAL B 123 -33.05 -11.70 -26.15
N THR B 124 -33.65 -10.51 -26.21
CA THR B 124 -35.08 -10.37 -25.90
C THR B 124 -35.97 -10.23 -27.13
N GLY B 125 -35.55 -9.42 -28.09
CA GLY B 125 -36.34 -9.19 -29.28
C GLY B 125 -36.95 -7.80 -29.26
N ALA B 126 -36.32 -6.92 -28.49
CA ALA B 126 -36.75 -5.53 -28.43
C ALA B 126 -36.29 -4.80 -29.69
N ILE B 127 -37.18 -4.02 -30.28
CA ILE B 127 -36.86 -3.30 -31.52
C ILE B 127 -36.21 -1.95 -31.27
N ASP B 128 -36.61 -1.29 -30.19
CA ASP B 128 -36.08 0.02 -29.86
C ASP B 128 -36.47 0.38 -28.44
N PRO B 129 -35.78 -0.22 -27.44
CA PRO B 129 -36.14 -0.12 -26.04
C PRO B 129 -35.42 1.01 -25.32
N VAL B 130 -35.91 1.35 -24.14
CA VAL B 130 -35.20 2.26 -23.25
C VAL B 130 -34.33 1.38 -22.35
N MET B 131 -33.14 1.88 -22.01
CA MET B 131 -32.14 1.07 -21.31
C MET B 131 -31.78 1.63 -19.94
N LEU B 132 -31.77 0.75 -18.94
CA LEU B 132 -31.39 1.13 -17.59
C LEU B 132 -30.02 0.55 -17.24
N TYR B 133 -28.98 1.39 -17.37
CA TYR B 133 -27.62 0.97 -17.08
C TYR B 133 -27.28 1.21 -15.62
N VAL B 134 -27.28 0.15 -14.83
CA VAL B 134 -26.98 0.24 -13.41
C VAL B 134 -25.81 -0.66 -13.02
N SER B 135 -24.59 -0.20 -13.29
CA SER B 135 -23.41 -0.99 -12.95
C SER B 135 -22.74 -0.39 -11.72
N GLY B 136 -21.41 -0.38 -11.73
CA GLY B 136 -20.65 0.06 -10.58
C GLY B 136 -20.87 1.52 -10.23
N GLY B 137 -20.20 2.40 -10.96
CA GLY B 137 -20.34 3.83 -10.75
C GLY B 137 -21.22 4.46 -11.81
N ASN B 138 -22.06 3.62 -12.43
CA ASN B 138 -22.92 4.07 -13.50
C ASN B 138 -24.40 3.90 -13.20
N THR B 139 -25.11 5.03 -13.09
CA THR B 139 -26.56 5.00 -13.12
C THR B 139 -26.99 5.74 -14.39
N GLN B 140 -27.29 4.97 -15.43
CA GLN B 140 -27.56 5.52 -16.74
C GLN B 140 -28.97 5.13 -17.18
N VAL B 141 -29.67 6.09 -17.76
CA VAL B 141 -30.89 5.79 -18.52
C VAL B 141 -30.71 6.31 -19.94
N ILE B 142 -30.69 5.41 -20.90
CA ILE B 142 -30.28 5.75 -22.25
C ILE B 142 -31.24 5.19 -23.29
N ALA B 143 -31.37 5.87 -24.42
CA ALA B 143 -32.30 5.46 -25.46
C ALA B 143 -31.87 5.93 -26.85
N HIS B 144 -32.11 5.10 -27.85
CA HIS B 144 -31.79 5.49 -29.22
C HIS B 144 -32.79 6.51 -29.73
N VAL B 145 -32.30 7.73 -29.96
CA VAL B 145 -33.18 8.82 -30.43
C VAL B 145 -32.71 9.46 -31.74
N ASN B 146 -31.62 10.22 -31.68
CA ASN B 146 -31.10 10.86 -32.89
C ASN B 146 -30.06 10.02 -33.62
N GLY B 147 -30.49 8.88 -34.15
CA GLY B 147 -29.61 8.00 -34.91
C GLY B 147 -28.46 7.47 -34.08
N ARG B 148 -28.44 7.83 -32.80
CA ARG B 148 -27.40 7.41 -31.88
C ARG B 148 -28.00 7.26 -30.49
N TYR B 149 -27.34 6.47 -29.65
CA TYR B 149 -27.84 6.25 -28.29
C TYR B 149 -27.51 7.44 -27.41
N ARG B 150 -28.55 8.03 -26.85
CA ARG B 150 -28.45 9.27 -26.11
C ARG B 150 -28.58 9.01 -24.60
N VAL B 151 -27.73 9.64 -23.80
CA VAL B 151 -27.85 9.54 -22.35
C VAL B 151 -28.80 10.64 -21.85
N LEU B 152 -29.92 10.23 -21.27
CA LEU B 152 -30.97 11.17 -20.89
C LEU B 152 -30.79 11.68 -19.46
N GLY B 153 -30.75 10.74 -18.52
CA GLY B 153 -30.51 11.07 -17.13
C GLY B 153 -29.35 10.27 -16.60
N GLU B 154 -28.98 10.54 -15.34
CA GLU B 154 -27.88 9.84 -14.70
C GLU B 154 -27.57 10.37 -13.31
N THR B 155 -26.82 9.59 -12.55
CA THR B 155 -26.44 10.00 -11.22
C THR B 155 -25.49 11.17 -11.30
N LEU B 156 -25.66 12.14 -10.41
CA LEU B 156 -24.82 13.34 -10.39
C LEU B 156 -23.70 13.15 -9.38
N ASP B 157 -23.91 12.25 -8.43
CA ASP B 157 -22.92 11.98 -7.40
C ASP B 157 -22.39 10.55 -7.49
N ILE B 158 -23.11 9.61 -6.90
CA ILE B 158 -22.62 8.24 -6.75
C ILE B 158 -23.46 7.18 -7.46
N GLY B 159 -22.80 6.36 -8.27
CA GLY B 159 -23.43 5.21 -8.90
C GLY B 159 -24.15 4.39 -7.85
N ILE B 160 -25.38 3.98 -8.16
CA ILE B 160 -26.22 3.29 -7.18
C ILE B 160 -25.55 2.06 -6.58
N GLY B 161 -24.77 1.36 -7.40
CA GLY B 161 -24.10 0.14 -6.97
C GLY B 161 -23.02 0.36 -5.93
N ASN B 162 -22.45 1.56 -5.92
CA ASN B 162 -21.43 1.91 -4.93
C ASN B 162 -22.04 2.32 -3.60
N MET B 163 -23.08 3.15 -3.67
CA MET B 163 -23.81 3.57 -2.48
C MET B 163 -24.28 2.33 -1.70
N ILE B 164 -24.72 1.32 -2.43
CA ILE B 164 -25.05 0.03 -1.85
C ILE B 164 -23.85 -0.59 -1.13
N ASP B 165 -22.72 -0.68 -1.83
CA ASP B 165 -21.54 -1.37 -1.31
C ASP B 165 -20.80 -0.62 -0.20
N LYS B 166 -20.80 0.70 -0.26
CA LYS B 166 -20.09 1.49 0.77
C LYS B 166 -20.93 1.65 2.04
N PHE B 167 -22.12 1.08 2.04
CA PHE B 167 -22.93 0.97 3.24
C PHE B 167 -22.60 -0.37 3.90
N ALA B 168 -22.53 -1.42 3.09
CA ALA B 168 -22.13 -2.74 3.57
C ALA B 168 -20.74 -2.65 4.16
N ARG B 169 -19.89 -1.85 3.53
CA ARG B 169 -18.53 -1.67 3.99
C ARG B 169 -18.43 -0.54 5.01
N GLU B 170 -19.57 -0.18 5.58
CA GLU B 170 -19.62 0.73 6.72
C GLU B 170 -20.51 0.08 7.78
N ALA B 171 -21.18 -1.00 7.37
CA ALA B 171 -22.01 -1.78 8.28
C ALA B 171 -21.35 -3.14 8.48
N GLY B 172 -20.03 -3.18 8.31
CA GLY B 172 -19.25 -4.38 8.51
C GLY B 172 -19.78 -5.60 7.78
N ILE B 173 -19.42 -5.73 6.51
CA ILE B 173 -19.82 -6.88 5.71
C ILE B 173 -18.78 -7.15 4.64
N PRO B 174 -18.50 -8.45 4.38
CA PRO B 174 -17.60 -8.85 3.31
C PRO B 174 -17.95 -8.12 2.01
N PHE B 175 -16.96 -7.92 1.14
CA PHE B 175 -17.20 -7.15 -0.08
C PHE B 175 -18.21 -7.77 -1.07
N PRO B 176 -18.63 -9.03 -0.84
CA PRO B 176 -19.85 -9.45 -1.53
C PRO B 176 -21.06 -8.64 -1.05
N GLY B 177 -20.91 -7.30 -1.10
CA GLY B 177 -21.84 -6.38 -0.49
C GLY B 177 -23.27 -6.40 -0.98
N GLY B 178 -23.45 -6.44 -2.30
CA GLY B 178 -24.77 -6.37 -2.91
C GLY B 178 -25.77 -7.34 -2.31
N PRO B 179 -25.70 -8.62 -2.73
CA PRO B 179 -26.63 -9.69 -2.34
C PRO B 179 -26.75 -9.86 -0.82
N GLU B 180 -25.67 -9.58 -0.10
CA GLU B 180 -25.70 -9.69 1.36
C GLU B 180 -26.75 -8.76 1.96
N ILE B 181 -26.98 -7.63 1.29
CA ILE B 181 -27.94 -6.63 1.74
C ILE B 181 -29.28 -6.82 1.07
N GLU B 182 -29.27 -7.57 -0.03
CA GLU B 182 -30.48 -7.89 -0.77
C GLU B 182 -31.30 -8.91 0.02
N LYS B 183 -30.69 -10.06 0.27
CA LYS B 183 -31.29 -11.07 1.14
C LYS B 183 -31.12 -10.65 2.61
N LEU B 184 -31.28 -9.36 2.85
CA LEU B 184 -31.20 -8.80 4.19
C LEU B 184 -32.39 -7.86 4.36
N ALA B 185 -32.69 -7.13 3.29
CA ALA B 185 -33.84 -6.23 3.26
C ALA B 185 -35.13 -7.03 3.33
N MET B 186 -35.01 -8.35 3.25
CA MET B 186 -36.16 -9.24 3.38
C MET B 186 -36.83 -9.03 4.73
N LYS B 187 -36.09 -9.34 5.80
CA LYS B 187 -36.61 -9.23 7.16
C LYS B 187 -36.80 -7.78 7.59
N GLY B 188 -36.90 -6.87 6.63
CA GLY B 188 -37.16 -5.47 6.94
C GLY B 188 -38.60 -5.27 7.35
N THR B 189 -38.83 -4.74 8.55
CA THR B 189 -40.20 -4.57 9.04
C THR B 189 -40.79 -3.19 8.74
N LYS B 190 -40.05 -2.14 9.07
CA LYS B 190 -40.52 -0.78 8.81
C LYS B 190 -39.65 -0.02 7.83
N LEU B 191 -40.22 1.02 7.23
CA LEU B 191 -39.54 1.89 6.28
C LEU B 191 -39.12 3.18 6.96
N LEU B 192 -37.81 3.40 7.07
CA LEU B 192 -37.29 4.64 7.62
C LEU B 192 -37.34 5.72 6.53
N ASP B 193 -36.74 6.87 6.79
CA ASP B 193 -36.85 7.98 5.85
C ASP B 193 -35.52 8.35 5.18
N LEU B 194 -35.52 8.37 3.84
CA LEU B 194 -34.31 8.61 3.07
C LEU B 194 -34.53 9.65 1.98
N PRO B 195 -33.57 10.58 1.85
CA PRO B 195 -33.63 11.72 0.93
C PRO B 195 -33.89 11.31 -0.52
N TYR B 196 -35.13 11.45 -0.95
CA TYR B 196 -35.55 11.06 -2.30
C TYR B 196 -35.20 12.17 -3.29
N SER B 197 -34.19 11.92 -4.11
CA SER B 197 -33.70 12.96 -5.00
C SER B 197 -33.76 12.59 -6.49
N VAL B 198 -34.89 12.86 -7.10
CA VAL B 198 -35.01 12.86 -8.56
C VAL B 198 -35.24 14.31 -9.02
N LYS B 199 -34.68 14.66 -10.17
CA LYS B 199 -34.80 16.01 -10.69
C LYS B 199 -34.62 15.96 -12.21
N GLY B 200 -35.73 15.93 -12.93
CA GLY B 200 -35.69 15.58 -14.33
C GLY B 200 -35.37 14.09 -14.38
N MET B 201 -34.70 13.64 -15.43
CA MET B 201 -34.36 12.22 -15.54
C MET B 201 -33.07 11.89 -14.80
N ASP B 202 -32.64 12.79 -13.92
CA ASP B 202 -31.39 12.58 -13.19
C ASP B 202 -31.60 12.30 -11.71
N THR B 203 -30.60 11.67 -11.11
CA THR B 203 -30.68 11.25 -9.71
C THR B 203 -29.41 11.55 -8.90
N ALA B 204 -29.55 11.49 -7.59
CA ALA B 204 -28.45 11.67 -6.65
C ALA B 204 -28.56 10.59 -5.59
N PHE B 205 -27.43 10.18 -5.02
CA PHE B 205 -27.45 9.07 -4.07
C PHE B 205 -26.70 9.36 -2.78
N SER B 206 -25.71 10.25 -2.84
CA SER B 206 -24.98 10.64 -1.63
C SER B 206 -25.96 10.85 -0.49
N GLY B 207 -27.04 11.57 -0.79
CA GLY B 207 -28.05 11.87 0.20
C GLY B 207 -28.51 10.65 0.95
N ILE B 208 -29.00 9.66 0.21
CA ILE B 208 -29.48 8.41 0.81
C ILE B 208 -28.46 7.84 1.79
N LEU B 209 -27.25 7.56 1.28
CA LEU B 209 -26.18 6.97 2.09
C LEU B 209 -26.01 7.64 3.45
N THR B 210 -25.67 8.92 3.45
CA THR B 210 -25.35 9.64 4.69
C THR B 210 -26.50 9.57 5.70
N ALA B 211 -27.71 9.78 5.21
CA ALA B 211 -28.89 9.72 6.05
C ALA B 211 -29.17 8.28 6.49
N ALA B 212 -28.51 7.33 5.82
CA ALA B 212 -28.61 5.92 6.19
C ALA B 212 -27.60 5.56 7.27
N LEU B 213 -26.37 6.07 7.12
CA LEU B 213 -25.32 5.85 8.11
C LEU B 213 -25.69 6.49 9.44
N GLN B 214 -26.26 7.69 9.37
CA GLN B 214 -26.65 8.41 10.58
C GLN B 214 -27.74 7.64 11.33
N TYR B 215 -28.60 6.98 10.58
CA TYR B 215 -29.60 6.09 11.16
C TYR B 215 -28.91 4.88 11.79
N LEU B 216 -27.81 4.46 11.16
CA LEU B 216 -27.13 3.25 11.57
C LEU B 216 -26.62 3.36 13.00
N LYS B 217 -25.85 4.40 13.27
CA LYS B 217 -25.25 4.60 14.59
C LYS B 217 -26.32 4.90 15.64
N THR B 218 -27.41 5.50 15.19
CA THR B 218 -28.60 5.63 16.03
C THR B 218 -28.99 4.22 16.47
N GLY B 219 -28.30 3.23 15.92
CA GLY B 219 -28.62 1.84 16.16
C GLY B 219 -29.71 1.42 15.19
N GLN B 220 -30.95 1.64 15.58
CA GLN B 220 -32.10 1.30 14.76
C GLN B 220 -32.13 -0.20 14.49
N ALA B 221 -32.13 -0.54 13.20
CA ALA B 221 -32.00 -1.91 12.75
C ALA B 221 -31.30 -1.87 11.41
N ILE B 222 -30.77 -3.00 10.96
CA ILE B 222 -30.04 -3.05 9.69
C ILE B 222 -30.97 -3.49 8.57
N GLU B 223 -31.73 -4.54 8.84
CA GLU B 223 -32.71 -5.07 7.90
C GLU B 223 -33.72 -3.98 7.55
N ASP B 224 -33.93 -3.06 8.47
CA ASP B 224 -34.83 -1.93 8.24
C ASP B 224 -34.16 -0.88 7.36
N ILE B 225 -32.92 -0.51 7.70
CA ILE B 225 -32.17 0.44 6.90
C ILE B 225 -31.90 -0.11 5.50
N SER B 226 -31.38 -1.34 5.46
CA SER B 226 -31.14 -2.03 4.20
C SER B 226 -32.43 -2.13 3.37
N TYR B 227 -33.55 -2.46 4.04
CA TYR B 227 -34.83 -2.53 3.36
C TYR B 227 -35.27 -1.17 2.83
N SER B 228 -35.06 -0.15 3.64
CA SER B 228 -35.51 1.20 3.31
C SER B 228 -34.77 1.81 2.12
N ILE B 229 -33.47 1.51 2.03
CA ILE B 229 -32.63 2.07 0.97
C ILE B 229 -33.01 1.51 -0.40
N GLN B 230 -33.34 0.23 -0.45
CA GLN B 230 -33.80 -0.39 -1.69
C GLN B 230 -35.08 0.29 -2.17
N GLU B 231 -36.09 0.27 -1.31
CA GLU B 231 -37.41 0.80 -1.65
C GLU B 231 -37.32 2.28 -1.99
N THR B 232 -36.42 3.00 -1.32
CA THR B 232 -36.25 4.43 -1.55
C THR B 232 -35.47 4.73 -2.83
N ALA B 233 -34.43 3.95 -3.11
CA ALA B 233 -33.60 4.19 -4.28
C ALA B 233 -34.20 3.65 -5.58
N PHE B 234 -34.82 2.48 -5.51
CA PHE B 234 -35.43 1.88 -6.69
C PHE B 234 -36.65 2.68 -7.11
N ALA B 235 -37.28 3.33 -6.14
CA ALA B 235 -38.38 4.25 -6.43
C ALA B 235 -37.91 5.34 -7.39
N MET B 236 -36.70 5.86 -7.12
CA MET B 236 -36.09 6.92 -7.91
C MET B 236 -35.88 6.51 -9.38
N LEU B 237 -35.58 5.23 -9.59
CA LEU B 237 -35.34 4.70 -10.93
C LEU B 237 -36.66 4.42 -11.65
N VAL B 238 -37.64 3.91 -10.94
CA VAL B 238 -38.94 3.61 -11.54
C VAL B 238 -39.57 4.86 -12.12
N GLU B 239 -39.47 5.97 -11.38
CA GLU B 239 -39.96 7.25 -11.84
C GLU B 239 -39.16 7.75 -13.03
N VAL B 240 -37.84 7.73 -12.90
CA VAL B 240 -36.94 8.16 -13.96
C VAL B 240 -37.15 7.34 -15.22
N LEU B 241 -37.36 6.03 -15.04
CA LEU B 241 -37.68 5.13 -16.15
C LEU B 241 -38.98 5.51 -16.84
N GLU B 242 -40.08 5.42 -16.10
CA GLU B 242 -41.39 5.81 -16.60
C GLU B 242 -41.28 7.06 -17.44
N ARG B 243 -40.53 8.03 -16.92
CA ARG B 243 -40.35 9.31 -17.58
C ARG B 243 -39.53 9.21 -18.88
N ALA B 244 -38.35 8.61 -18.80
CA ALA B 244 -37.50 8.43 -19.99
C ALA B 244 -38.29 7.78 -21.12
N LEU B 245 -39.20 6.88 -20.75
CA LEU B 245 -40.08 6.25 -21.72
C LEU B 245 -40.93 7.29 -22.41
N TYR B 246 -41.94 7.76 -21.70
CA TYR B 246 -42.86 8.76 -22.25
C TYR B 246 -42.20 10.11 -22.38
N VAL B 247 -40.94 10.10 -22.79
CA VAL B 247 -40.25 11.29 -23.26
C VAL B 247 -39.82 11.01 -24.69
N SER B 248 -38.88 10.08 -24.84
CA SER B 248 -38.46 9.60 -26.14
C SER B 248 -39.49 8.63 -26.72
N GLY B 249 -40.63 8.53 -26.04
CA GLY B 249 -41.75 7.72 -26.47
C GLY B 249 -41.42 6.34 -26.97
N LYS B 250 -41.24 5.38 -26.06
CA LYS B 250 -40.95 4.00 -26.44
C LYS B 250 -41.75 3.02 -25.58
N ASP B 251 -41.92 1.80 -26.05
CA ASP B 251 -42.76 0.81 -25.37
C ASP B 251 -42.00 -0.44 -24.91
N GLU B 252 -40.74 -0.28 -24.53
CA GLU B 252 -39.96 -1.42 -24.04
C GLU B 252 -38.79 -1.03 -23.14
N ILE B 253 -38.40 -1.94 -22.26
CA ILE B 253 -37.36 -1.71 -21.26
C ILE B 253 -36.29 -2.81 -21.25
N LEU B 254 -35.07 -2.46 -20.85
CA LEU B 254 -34.00 -3.42 -20.62
C LEU B 254 -33.14 -3.03 -19.43
N MET B 255 -32.75 -4.02 -18.64
CA MET B 255 -31.88 -3.80 -17.48
C MET B 255 -30.51 -4.47 -17.66
N ALA B 256 -29.46 -3.66 -17.52
CA ALA B 256 -28.10 -4.17 -17.61
C ALA B 256 -27.25 -3.65 -16.46
N GLY B 257 -26.52 -4.55 -15.82
CA GLY B 257 -25.58 -4.17 -14.77
C GLY B 257 -25.56 -5.13 -13.62
N GLY B 258 -24.60 -4.94 -12.72
CA GLY B 258 -24.51 -5.75 -11.51
C GLY B 258 -25.65 -5.42 -10.57
N VAL B 259 -26.06 -4.16 -10.59
CA VAL B 259 -27.20 -3.69 -9.80
C VAL B 259 -28.50 -4.29 -10.32
N ALA B 260 -28.55 -4.56 -11.63
CA ALA B 260 -29.77 -5.06 -12.28
C ALA B 260 -30.05 -6.53 -12.00
N LEU B 261 -29.26 -7.12 -11.11
CA LEU B 261 -29.45 -8.52 -10.72
C LEU B 261 -30.22 -8.61 -9.42
N ASN B 262 -30.77 -7.49 -8.97
CA ASN B 262 -31.51 -7.45 -7.71
C ASN B 262 -32.94 -7.95 -7.85
N ARG B 263 -33.26 -9.02 -7.12
CA ARG B 263 -34.57 -9.67 -7.18
C ARG B 263 -35.76 -8.73 -7.01
N ARG B 264 -35.63 -7.76 -6.12
CA ARG B 264 -36.69 -6.80 -5.84
C ARG B 264 -36.75 -5.70 -6.90
N LEU B 265 -35.60 -5.32 -7.42
CA LEU B 265 -35.53 -4.31 -8.48
C LEU B 265 -36.16 -4.80 -9.78
N ARG B 266 -36.01 -6.10 -10.05
CA ARG B 266 -36.66 -6.71 -11.21
C ARG B 266 -38.17 -6.65 -11.03
N ASP B 267 -38.61 -6.87 -9.81
CA ASP B 267 -40.03 -6.78 -9.46
C ASP B 267 -40.59 -5.39 -9.67
N MET B 268 -39.90 -4.40 -9.11
CA MET B 268 -40.35 -3.01 -9.17
C MET B 268 -40.43 -2.48 -10.61
N VAL B 269 -39.70 -3.14 -11.52
CA VAL B 269 -39.66 -2.72 -12.92
C VAL B 269 -40.80 -3.37 -13.72
N THR B 270 -40.88 -4.69 -13.68
CA THR B 270 -41.93 -5.42 -14.38
C THR B 270 -43.30 -4.99 -13.88
N ASN B 271 -43.34 -4.47 -12.65
CA ASN B 271 -44.56 -3.96 -12.05
C ASN B 271 -44.96 -2.64 -12.73
N MET B 272 -44.00 -1.74 -12.86
CA MET B 272 -44.24 -0.50 -13.58
C MET B 272 -44.66 -0.82 -15.01
N ALA B 273 -44.16 -1.92 -15.54
CA ALA B 273 -44.54 -2.36 -16.88
C ALA B 273 -46.07 -2.35 -17.01
N ARG B 274 -46.73 -3.22 -16.26
CA ARG B 274 -48.19 -3.30 -16.30
C ARG B 274 -48.86 -1.93 -16.24
N GLU B 275 -48.29 -1.02 -15.46
CA GLU B 275 -48.91 0.27 -15.24
C GLU B 275 -48.55 1.30 -16.31
N ALA B 276 -47.56 0.98 -17.13
CA ALA B 276 -47.15 1.87 -18.21
C ALA B 276 -47.67 1.35 -19.54
N GLY B 277 -47.96 0.05 -19.59
CA GLY B 277 -48.53 -0.58 -20.76
C GLY B 277 -47.49 -0.91 -21.81
N ILE B 278 -46.27 -1.22 -21.36
CA ILE B 278 -45.17 -1.49 -22.28
C ILE B 278 -44.21 -2.56 -21.75
N ARG B 279 -43.65 -3.36 -22.66
CA ARG B 279 -42.93 -4.58 -22.32
C ARG B 279 -41.66 -4.39 -21.49
N SER B 280 -41.58 -5.11 -20.37
CA SER B 280 -40.39 -5.13 -19.52
C SER B 280 -39.60 -6.41 -19.75
N TYR B 281 -38.86 -6.45 -20.86
CA TYR B 281 -37.98 -7.58 -21.14
C TYR B 281 -36.93 -7.72 -20.04
N LEU B 282 -37.01 -8.80 -19.27
CA LEU B 282 -35.97 -9.09 -18.29
C LEU B 282 -34.90 -9.99 -18.93
N THR B 283 -33.80 -9.35 -19.34
CA THR B 283 -32.72 -10.04 -20.03
C THR B 283 -32.18 -11.22 -19.23
N ASP B 284 -31.58 -12.17 -19.94
CA ASP B 284 -30.94 -13.33 -19.30
C ASP B 284 -30.19 -12.93 -18.04
N ARG B 285 -30.48 -13.64 -16.95
CA ARG B 285 -29.97 -13.31 -15.63
C ARG B 285 -28.44 -13.37 -15.53
N GLU B 286 -27.79 -13.81 -16.60
CA GLU B 286 -26.33 -13.91 -16.59
C GLU B 286 -25.66 -12.86 -17.47
N TYR B 287 -26.37 -12.39 -18.50
CA TYR B 287 -25.83 -11.38 -19.38
C TYR B 287 -25.94 -9.99 -18.77
N CYS B 288 -26.05 -9.93 -17.45
CA CYS B 288 -26.18 -8.67 -16.74
C CYS B 288 -24.81 -8.12 -16.37
N MET B 289 -23.86 -9.02 -16.13
CA MET B 289 -22.50 -8.61 -15.85
C MET B 289 -21.74 -8.43 -17.16
N ASP B 290 -20.53 -7.88 -17.04
CA ASP B 290 -19.65 -7.67 -18.18
C ASP B 290 -19.32 -8.98 -18.88
N ASN B 291 -19.56 -9.02 -20.19
CA ASN B 291 -19.17 -10.17 -21.00
C ASN B 291 -18.54 -9.75 -22.34
N GLY B 292 -17.64 -10.58 -22.84
CA GLY B 292 -16.94 -10.28 -24.07
C GLY B 292 -17.80 -10.48 -25.29
N ILE B 293 -18.90 -11.22 -25.11
CA ILE B 293 -19.75 -11.54 -26.25
C ILE B 293 -20.66 -10.37 -26.62
N MET B 294 -21.13 -9.63 -25.62
CA MET B 294 -21.96 -8.44 -25.84
C MET B 294 -21.18 -7.47 -26.73
N ILE B 295 -19.85 -7.61 -26.69
CA ILE B 295 -18.95 -6.83 -27.54
C ILE B 295 -19.01 -7.31 -28.99
N ALA B 296 -19.05 -8.62 -29.17
CA ALA B 296 -19.10 -9.24 -30.49
C ALA B 296 -20.41 -8.94 -31.22
N GLN B 297 -21.43 -8.64 -30.45
CA GLN B 297 -22.74 -8.34 -30.98
C GLN B 297 -22.82 -6.90 -31.47
N ALA B 298 -22.26 -5.98 -30.69
CA ALA B 298 -22.32 -4.57 -31.05
C ALA B 298 -21.40 -4.26 -32.22
N ALA B 299 -20.45 -5.15 -32.47
CA ALA B 299 -19.51 -4.96 -33.55
C ALA B 299 -20.09 -5.53 -34.84
N LEU B 300 -20.69 -6.72 -34.73
CA LEU B 300 -21.43 -7.33 -35.85
C LEU B 300 -22.28 -6.26 -36.48
N LEU B 301 -23.18 -5.71 -35.67
CA LEU B 301 -24.03 -4.59 -36.07
C LEU B 301 -23.25 -3.48 -36.77
N MET B 302 -22.16 -3.03 -36.15
CA MET B 302 -21.32 -2.01 -36.77
C MET B 302 -20.83 -2.44 -38.15
N TYR B 303 -20.09 -3.54 -38.21
CA TYR B 303 -19.48 -3.98 -39.45
C TYR B 303 -20.53 -4.21 -40.54
N LYS B 304 -21.65 -4.82 -40.16
CA LYS B 304 -22.73 -5.09 -41.09
C LYS B 304 -23.29 -3.80 -41.71
N SER B 305 -23.23 -2.72 -40.96
CA SER B 305 -23.63 -1.42 -41.49
C SER B 305 -22.45 -0.69 -42.10
N GLY B 306 -21.48 -1.46 -42.61
CA GLY B 306 -20.41 -0.91 -43.42
C GLY B 306 -19.37 -0.08 -42.67
N VAL B 307 -19.57 0.12 -41.38
CA VAL B 307 -18.57 0.81 -40.58
C VAL B 307 -17.33 -0.08 -40.44
N ARG B 308 -16.16 0.51 -40.62
CA ARG B 308 -14.90 -0.23 -40.50
C ARG B 308 -13.75 0.68 -40.05
N MET B 309 -12.66 0.09 -39.59
CA MET B 309 -11.49 0.86 -39.21
C MET B 309 -10.19 0.05 -39.24
N SER B 310 -9.25 0.47 -40.09
CA SER B 310 -7.94 -0.15 -40.14
C SER B 310 -7.27 -0.09 -38.78
N VAL B 311 -6.35 -1.01 -38.52
CA VAL B 311 -5.79 -1.21 -37.19
C VAL B 311 -5.18 0.06 -36.57
N GLU B 312 -4.49 0.87 -37.37
CA GLU B 312 -3.79 2.03 -36.83
C GLU B 312 -4.71 3.01 -36.10
N GLU B 313 -5.93 3.17 -36.60
CA GLU B 313 -6.87 4.13 -36.04
C GLU B 313 -7.25 3.75 -34.61
N THR B 314 -7.37 2.46 -34.37
CA THR B 314 -7.82 1.95 -33.08
C THR B 314 -6.98 2.46 -31.92
N ALA B 315 -7.63 2.68 -30.79
CA ALA B 315 -6.96 3.11 -29.57
C ALA B 315 -7.98 3.25 -28.45
N VAL B 316 -7.54 3.03 -27.22
CA VAL B 316 -8.43 3.08 -26.06
C VAL B 316 -9.02 4.46 -25.83
N ASN B 317 -10.19 4.48 -25.19
CA ASN B 317 -10.81 5.73 -24.77
C ASN B 317 -11.62 5.56 -23.50
N PRO B 318 -10.95 5.69 -22.35
CA PRO B 318 -11.55 5.54 -21.02
C PRO B 318 -12.71 6.52 -20.82
N ARG B 319 -12.84 7.47 -21.74
CA ARG B 319 -13.87 8.49 -21.64
C ARG B 319 -14.81 8.46 -22.83
N PHE B 320 -15.18 7.25 -23.26
CA PHE B 320 -15.94 7.06 -24.49
C PHE B 320 -17.45 7.28 -24.29
N ARG B 321 -17.94 8.43 -24.75
CA ARG B 321 -19.38 8.69 -24.76
C ARG B 321 -20.07 7.73 -25.70
N ILE B 322 -21.27 7.28 -25.33
CA ILE B 322 -22.01 6.32 -26.13
C ILE B 322 -22.72 7.00 -27.30
N ASP B 323 -23.00 8.29 -27.13
CA ASP B 323 -23.60 9.09 -28.18
C ASP B 323 -22.51 9.59 -29.13
N GLU B 324 -21.32 9.03 -28.99
CA GLU B 324 -20.20 9.36 -29.87
C GLU B 324 -20.23 8.43 -31.06
N VAL B 325 -20.81 7.25 -30.84
CA VAL B 325 -20.92 6.22 -31.87
C VAL B 325 -22.26 6.28 -32.61
N ASP B 326 -22.21 6.33 -33.93
CA ASP B 326 -23.43 6.34 -34.74
C ASP B 326 -24.07 4.97 -34.81
N ALA B 327 -25.30 4.86 -34.33
CA ALA B 327 -26.02 3.60 -34.33
C ALA B 327 -27.22 3.62 -35.28
N PRO B 328 -26.95 3.54 -36.60
CA PRO B 328 -27.97 3.65 -37.63
C PRO B 328 -28.54 2.29 -38.05
N TRP B 329 -29.37 1.67 -37.23
CA TRP B 329 -29.91 0.35 -37.55
C TRP B 329 -31.12 -0.06 -36.72
N ILE B 330 -32.05 0.88 -36.52
CA ILE B 330 -33.25 0.63 -35.73
C ILE B 330 -34.52 1.06 -36.48
N ARG C 10 4.51 21.32 -9.58
CA ARG C 10 4.80 21.61 -8.18
C ARG C 10 3.52 21.86 -7.38
N VAL C 11 3.50 21.35 -6.16
CA VAL C 11 2.38 21.59 -5.25
C VAL C 11 2.74 22.74 -4.31
N GLN C 12 1.73 23.28 -3.65
CA GLN C 12 1.94 24.35 -2.68
C GLN C 12 1.10 24.08 -1.43
N ALA C 13 1.70 24.29 -0.26
CA ALA C 13 1.01 24.02 1.00
C ALA C 13 1.22 25.12 2.03
N LYS C 14 0.22 25.29 2.90
CA LYS C 14 0.29 26.30 3.95
C LYS C 14 -0.63 25.92 5.10
N ILE C 15 -0.03 25.63 6.26
CA ILE C 15 -0.80 25.22 7.42
C ILE C 15 -0.65 26.21 8.56
N GLU C 16 -1.73 26.42 9.30
CA GLU C 16 -1.72 27.30 10.46
C GLU C 16 -2.53 26.67 11.61
N MET C 17 -1.92 26.57 12.78
CA MET C 17 -2.65 26.11 13.96
C MET C 17 -2.46 27.09 15.10
N GLU C 18 -3.56 27.42 15.76
CA GLU C 18 -3.54 28.36 16.86
C GLU C 18 -3.47 27.62 18.18
N PHE C 19 -2.73 28.19 19.12
CA PHE C 19 -2.62 27.64 20.46
C PHE C 19 -3.33 28.58 21.42
N PRO C 20 -3.82 28.03 22.55
CA PRO C 20 -4.50 28.82 23.58
C PRO C 20 -3.76 30.11 23.94
N SER C 21 -2.49 30.01 24.32
CA SER C 21 -1.71 31.20 24.67
C SER C 21 -0.52 31.38 23.74
N GLU C 22 0.13 32.53 23.85
CA GLU C 22 1.25 32.86 22.97
C GLU C 22 2.53 32.14 23.37
N ASP C 23 2.62 31.73 24.63
CA ASP C 23 3.82 31.07 25.12
C ASP C 23 3.84 29.58 24.76
N VAL C 24 2.67 28.96 24.77
CA VAL C 24 2.57 27.57 24.32
C VAL C 24 3.12 27.50 22.90
N ALA C 25 2.73 28.49 22.09
CA ALA C 25 3.25 28.64 20.75
C ALA C 25 4.77 28.64 20.75
N LYS C 26 5.36 29.51 21.58
CA LYS C 26 6.80 29.58 21.73
C LYS C 26 7.40 28.19 21.92
N VAL C 27 6.91 27.49 22.95
CA VAL C 27 7.43 26.19 23.33
C VAL C 27 7.41 25.21 22.16
N VAL C 28 6.24 24.98 21.58
CA VAL C 28 6.08 24.03 20.49
C VAL C 28 7.03 24.38 19.33
N TYR C 29 7.09 25.67 19.01
CA TYR C 29 7.97 26.14 17.94
C TYR C 29 9.37 25.61 18.20
N GLU C 30 9.87 25.92 19.39
CA GLU C 30 11.22 25.56 19.81
C GLU C 30 11.44 24.07 19.65
N ALA C 31 10.60 23.29 20.32
CA ALA C 31 10.69 21.83 20.31
C ALA C 31 10.85 21.31 18.88
N VAL C 32 9.93 21.72 18.02
CA VAL C 32 9.91 21.27 16.63
C VAL C 32 11.01 21.92 15.81
N LEU C 33 11.35 23.16 16.16
CA LEU C 33 12.37 23.89 15.42
C LEU C 33 13.67 23.11 15.42
N TYR C 34 14.00 22.52 16.56
CA TYR C 34 15.19 21.70 16.66
C TYR C 34 15.12 20.54 15.67
N GLU C 35 13.92 20.02 15.47
CA GLU C 35 13.73 18.92 14.53
C GLU C 35 13.84 19.37 13.09
N HIS C 36 13.27 20.54 12.81
CA HIS C 36 13.37 21.14 11.49
C HIS C 36 14.82 21.15 11.04
N LEU C 37 15.68 21.71 11.89
CA LEU C 37 17.08 21.87 11.58
C LEU C 37 17.80 20.54 11.51
N SER C 38 17.36 19.60 12.35
CA SER C 38 17.98 18.28 12.46
C SER C 38 18.05 17.53 11.13
N VAL C 39 16.97 17.62 10.35
CA VAL C 39 16.84 16.84 9.13
C VAL C 39 17.89 17.13 8.08
N PRO C 40 18.50 16.06 7.54
CA PRO C 40 19.48 16.11 6.45
C PRO C 40 18.79 16.25 5.11
N TYR C 41 17.96 15.28 4.75
CA TYR C 41 17.35 15.24 3.42
C TYR C 41 15.89 15.64 3.37
N ARG C 42 15.59 16.62 2.52
CA ARG C 42 14.23 17.08 2.30
C ARG C 42 13.66 16.26 1.16
N ARG C 43 12.40 15.87 1.27
CA ARG C 43 11.70 15.36 0.12
C ARG C 43 10.82 16.49 -0.38
N SER C 44 11.10 17.70 0.11
CA SER C 44 10.41 18.92 -0.29
C SER C 44 10.97 20.11 0.50
N GLU C 45 10.62 21.32 0.07
CA GLU C 45 11.10 22.54 0.74
C GLU C 45 10.04 23.14 1.66
N ILE C 46 10.38 23.31 2.93
CA ILE C 46 9.46 23.83 3.92
C ILE C 46 9.96 25.15 4.51
N ASP C 47 9.04 26.03 4.86
CA ASP C 47 9.37 27.30 5.48
C ASP C 47 8.73 27.41 6.87
N PHE C 48 9.56 27.44 7.91
CA PHE C 48 9.07 27.44 9.29
C PHE C 48 9.00 28.85 9.86
N LYS C 49 7.89 29.17 10.52
CA LYS C 49 7.69 30.49 11.11
C LYS C 49 6.80 30.46 12.34
N LEU C 50 7.00 31.44 13.22
CA LEU C 50 6.11 31.63 14.36
C LEU C 50 5.36 32.94 14.17
N GLU C 51 4.09 32.96 14.54
CA GLU C 51 3.27 34.16 14.42
C GLU C 51 2.91 34.65 15.81
N GLY C 52 1.64 34.99 16.01
CA GLY C 52 1.14 35.36 17.32
C GLY C 52 1.20 34.15 18.24
N LYS C 53 0.06 33.50 18.42
CA LYS C 53 0.00 32.21 19.11
C LYS C 53 -0.30 31.14 18.07
N LYS C 54 0.45 31.16 16.97
CA LYS C 54 0.09 30.36 15.80
C LYS C 54 1.30 30.11 14.92
N ILE C 55 1.61 28.84 14.69
CA ILE C 55 2.75 28.45 13.87
C ILE C 55 2.37 28.33 12.40
N ILE C 56 3.28 28.69 11.51
CA ILE C 56 2.98 28.70 10.07
C ILE C 56 3.89 27.79 9.26
N LEU C 57 3.27 26.95 8.41
CA LEU C 57 4.01 26.06 7.53
C LEU C 57 3.84 26.45 6.06
N ASP C 58 4.95 26.45 5.33
CA ASP C 58 4.94 26.82 3.92
C ASP C 58 5.74 25.82 3.07
N ILE C 59 5.05 24.87 2.46
CA ILE C 59 5.72 23.79 1.74
C ILE C 59 5.65 23.91 0.21
N LYS C 60 6.72 23.46 -0.44
CA LYS C 60 6.79 23.40 -1.90
C LYS C 60 7.33 22.04 -2.33
N ALA C 61 6.46 21.18 -2.83
CA ALA C 61 6.88 19.85 -3.24
C ALA C 61 6.69 19.63 -4.74
N THR C 62 7.38 18.62 -5.28
CA THR C 62 7.30 18.31 -6.71
C THR C 62 5.98 17.62 -7.02
N ASP C 63 5.72 16.51 -6.33
CA ASP C 63 4.45 15.80 -6.50
C ASP C 63 3.64 15.80 -5.20
N SER C 64 2.58 15.01 -5.19
CA SER C 64 1.65 14.96 -4.06
C SER C 64 2.01 13.86 -3.06
N SER C 65 2.82 12.90 -3.50
CA SER C 65 3.26 11.83 -2.61
C SER C 65 4.41 12.35 -1.74
N ALA C 66 5.23 13.22 -2.32
CA ALA C 66 6.32 13.85 -1.61
C ALA C 66 5.78 14.78 -0.53
N LEU C 67 5.03 15.79 -0.95
CA LEU C 67 4.44 16.74 -0.02
C LEU C 67 3.77 16.05 1.17
N ARG C 68 3.05 14.97 0.87
CA ARG C 68 2.28 14.27 1.90
C ARG C 68 3.18 13.80 3.03
N GLY C 69 4.20 13.04 2.70
CA GLY C 69 5.14 12.54 3.70
C GLY C 69 5.76 13.63 4.57
N THR C 70 6.10 14.76 3.95
CA THR C 70 6.67 15.90 4.68
C THR C 70 5.68 16.42 5.71
N VAL C 71 4.44 16.60 5.28
CA VAL C 71 3.37 17.06 6.17
C VAL C 71 3.23 16.12 7.36
N ASN C 72 3.07 14.83 7.05
CA ASN C 72 2.94 13.81 8.07
C ASN C 72 4.02 13.96 9.13
N SER C 73 5.24 14.19 8.69
CA SER C 73 6.36 14.37 9.61
C SER C 73 6.06 15.49 10.61
N TYR C 74 6.08 16.72 10.10
CA TYR C 74 5.88 17.91 10.92
C TYR C 74 4.62 17.84 11.77
N LEU C 75 3.48 17.55 11.15
CA LEU C 75 2.22 17.46 11.87
C LEU C 75 2.30 16.45 13.02
N ARG C 76 3.16 15.46 12.86
CA ARG C 76 3.35 14.45 13.88
C ARG C 76 4.22 15.03 14.99
N TRP C 77 5.21 15.84 14.58
CA TRP C 77 6.09 16.51 15.53
C TRP C 77 5.31 17.48 16.41
N ILE C 78 4.49 18.32 15.81
CA ILE C 78 3.73 19.30 16.57
C ILE C 78 2.73 18.65 17.53
N LYS C 79 2.15 17.53 17.12
CA LYS C 79 1.21 16.83 17.99
C LYS C 79 1.96 16.22 19.17
N ALA C 80 3.24 15.94 18.94
CA ALA C 80 4.10 15.47 20.00
C ALA C 80 4.28 16.56 21.05
N ALA C 81 4.78 17.71 20.62
CA ALA C 81 5.00 18.85 21.51
C ALA C 81 3.72 19.23 22.26
N ILE C 82 2.64 19.45 21.51
CA ILE C 82 1.36 19.80 22.09
C ILE C 82 0.98 18.85 23.23
N ASP C 83 1.04 17.56 22.96
CA ASP C 83 0.59 16.56 23.92
C ASP C 83 1.46 16.47 25.16
N VAL C 84 2.76 16.68 25.00
CA VAL C 84 3.65 16.71 26.14
C VAL C 84 3.24 17.83 27.09
N ILE C 85 3.25 19.05 26.56
CA ILE C 85 2.82 20.24 27.30
C ILE C 85 1.53 19.96 28.06
N GLU C 86 0.57 19.34 27.38
CA GLU C 86 -0.68 18.93 28.01
C GLU C 86 -0.50 17.66 28.85
N ARG D 10 -7.87 25.06 16.80
CA ARG D 10 -8.21 24.55 15.48
C ARG D 10 -7.10 24.84 14.47
N VAL D 11 -6.98 23.97 13.47
CA VAL D 11 -5.95 24.12 12.45
C VAL D 11 -6.56 24.50 11.10
N GLN D 12 -5.76 25.17 10.29
CA GLN D 12 -6.18 25.61 8.96
C GLN D 12 -5.23 25.04 7.91
N ALA D 13 -5.79 24.53 6.82
CA ALA D 13 -4.98 23.93 5.77
C ALA D 13 -5.42 24.40 4.38
N LYS D 14 -4.45 24.57 3.49
CA LYS D 14 -4.73 24.99 2.12
C LYS D 14 -3.68 24.48 1.14
N ILE D 15 -4.07 23.54 0.28
CA ILE D 15 -3.15 22.96 -0.70
C ILE D 15 -3.59 23.28 -2.13
N GLU D 16 -2.60 23.29 -3.04
CA GLU D 16 -2.86 23.50 -4.46
C GLU D 16 -1.80 22.79 -5.29
N MET D 17 -2.23 21.91 -6.19
CA MET D 17 -1.29 21.28 -7.10
C MET D 17 -1.68 21.58 -8.54
N GLU D 18 -0.71 22.02 -9.34
CA GLU D 18 -0.94 22.30 -10.74
C GLU D 18 -0.69 21.06 -11.59
N PHE D 19 -1.46 20.92 -12.66
CA PHE D 19 -1.32 19.79 -13.58
C PHE D 19 -0.81 20.29 -14.93
N PRO D 20 -0.34 19.36 -15.79
CA PRO D 20 0.15 19.74 -17.13
C PRO D 20 -0.89 20.52 -17.92
N SER D 21 -2.07 19.95 -18.13
CA SER D 21 -3.13 20.63 -18.86
C SER D 21 -4.35 20.85 -17.97
N GLU D 22 -5.30 21.64 -18.46
CA GLU D 22 -6.51 21.92 -17.70
C GLU D 22 -7.47 20.73 -17.70
N ASP D 23 -7.26 19.79 -18.60
CA ASP D 23 -8.15 18.63 -18.69
C ASP D 23 -7.72 17.51 -17.76
N VAL D 24 -6.43 17.47 -17.43
CA VAL D 24 -5.95 16.50 -16.46
C VAL D 24 -6.54 16.85 -15.11
N ALA D 25 -6.60 18.16 -14.82
CA ALA D 25 -7.26 18.65 -13.62
C ALA D 25 -8.71 18.18 -13.61
N LYS D 26 -9.39 18.41 -14.72
CA LYS D 26 -10.77 17.94 -14.91
C LYS D 26 -10.93 16.49 -14.46
N VAL D 27 -10.28 15.60 -15.20
CA VAL D 27 -10.38 14.17 -14.94
C VAL D 27 -10.15 13.84 -13.46
N VAL D 28 -9.01 14.28 -12.95
CA VAL D 28 -8.63 14.03 -11.56
C VAL D 28 -9.70 14.49 -10.58
N TYR D 29 -9.97 15.79 -10.56
CA TYR D 29 -10.97 16.34 -9.66
C TYR D 29 -12.19 15.44 -9.63
N GLU D 30 -12.59 14.96 -10.80
CA GLU D 30 -13.72 14.05 -10.93
C GLU D 30 -13.49 12.78 -10.12
N ALA D 31 -12.32 12.18 -10.29
CA ALA D 31 -11.97 10.93 -9.61
C ALA D 31 -12.02 11.11 -8.09
N VAL D 32 -11.51 12.23 -7.60
CA VAL D 32 -11.49 12.49 -6.17
C VAL D 32 -12.85 12.94 -5.67
N LEU D 33 -13.53 13.74 -6.49
CA LEU D 33 -14.82 14.29 -6.12
C LEU D 33 -15.84 13.18 -5.86
N TYR D 34 -15.78 12.11 -6.67
CA TYR D 34 -16.61 10.94 -6.43
C TYR D 34 -16.28 10.32 -5.07
N GLU D 35 -15.02 10.42 -4.67
CA GLU D 35 -14.59 9.93 -3.36
C GLU D 35 -14.97 10.88 -2.24
N HIS D 36 -14.78 12.17 -2.46
CA HIS D 36 -15.21 13.18 -1.51
C HIS D 36 -16.65 12.89 -1.09
N LEU D 37 -17.51 12.67 -2.08
CA LEU D 37 -18.95 12.49 -1.87
C LEU D 37 -19.26 11.15 -1.20
N SER D 38 -18.38 10.18 -1.38
CA SER D 38 -18.57 8.86 -0.79
C SER D 38 -18.32 8.91 0.72
N VAL D 39 -17.40 9.78 1.12
CA VAL D 39 -16.97 9.86 2.51
C VAL D 39 -18.13 9.98 3.51
N PRO D 40 -18.24 9.00 4.42
CA PRO D 40 -19.19 8.96 5.53
C PRO D 40 -18.85 9.91 6.70
N TYR D 41 -17.57 9.91 7.10
CA TYR D 41 -17.13 10.65 8.28
C TYR D 41 -16.39 11.94 7.96
N ARG D 42 -16.38 12.87 8.90
CA ARG D 42 -15.62 14.10 8.74
C ARG D 42 -14.86 14.45 10.00
N ARG D 43 -13.68 13.87 10.19
CA ARG D 43 -12.85 14.22 11.34
C ARG D 43 -12.39 15.66 11.19
N SER D 44 -12.61 16.20 10.00
CA SER D 44 -12.40 17.61 9.72
C SER D 44 -13.29 18.02 8.55
N GLU D 45 -13.43 19.32 8.33
CA GLU D 45 -14.22 19.83 7.21
C GLU D 45 -13.36 20.16 6.01
N ILE D 46 -13.76 19.67 4.85
CA ILE D 46 -12.98 19.88 3.63
C ILE D 46 -13.77 20.69 2.60
N ASP D 47 -13.06 21.60 1.92
CA ASP D 47 -13.64 22.32 0.80
C ASP D 47 -12.86 22.00 -0.47
N PHE D 48 -13.56 21.37 -1.41
CA PHE D 48 -12.96 20.88 -2.65
C PHE D 48 -13.28 21.86 -3.77
N LYS D 49 -12.28 22.29 -4.53
CA LYS D 49 -12.52 23.22 -5.63
C LYS D 49 -11.60 23.01 -6.82
N LEU D 50 -12.11 23.30 -8.02
CA LEU D 50 -11.31 23.20 -9.24
C LEU D 50 -11.02 24.59 -9.82
N GLU D 51 -9.77 24.85 -10.16
CA GLU D 51 -9.35 26.16 -10.65
C GLU D 51 -8.94 26.09 -12.12
N GLY D 52 -7.82 26.70 -12.46
CA GLY D 52 -7.31 26.65 -13.82
C GLY D 52 -6.94 25.22 -14.19
N LYS D 53 -5.65 24.93 -14.13
CA LYS D 53 -5.18 23.54 -14.18
C LYS D 53 -4.65 23.19 -12.80
N LYS D 54 -5.49 23.44 -11.80
CA LYS D 54 -5.07 23.42 -10.41
C LYS D 54 -6.23 23.12 -9.49
N ILE D 55 -6.13 22.02 -8.74
CA ILE D 55 -7.13 21.68 -7.74
C ILE D 55 -6.80 22.35 -6.40
N ILE D 56 -7.83 22.77 -5.67
CA ILE D 56 -7.62 23.45 -4.40
C ILE D 56 -8.30 22.76 -3.22
N LEU D 57 -7.56 22.60 -2.12
CA LEU D 57 -8.09 22.03 -0.89
C LEU D 57 -8.14 23.09 0.21
N ASP D 58 -9.17 23.03 1.06
CA ASP D 58 -9.26 23.93 2.21
C ASP D 58 -9.81 23.19 3.43
N ILE D 59 -8.89 22.78 4.32
CA ILE D 59 -9.27 21.97 5.47
C ILE D 59 -9.31 22.77 6.77
N LYS D 60 -10.25 22.40 7.63
CA LYS D 60 -10.36 22.95 8.98
C LYS D 60 -10.52 21.82 9.99
N ALA D 61 -9.48 21.58 10.77
CA ALA D 61 -9.52 20.49 11.73
C ALA D 61 -9.56 21.02 13.16
N THR D 62 -10.06 20.20 14.07
CA THR D 62 -10.03 20.54 15.48
C THR D 62 -8.58 20.48 15.92
N ASP D 63 -7.89 19.39 15.56
CA ASP D 63 -6.52 19.20 15.95
C ASP D 63 -5.60 18.92 14.76
N SER D 64 -4.33 18.69 15.05
CA SER D 64 -3.31 18.48 14.02
C SER D 64 -3.25 17.02 13.57
N SER D 65 -3.54 16.13 14.50
CA SER D 65 -3.58 14.70 14.17
C SER D 65 -4.78 14.44 13.26
N ALA D 66 -5.92 15.03 13.60
CA ALA D 66 -7.12 14.94 12.77
C ALA D 66 -6.89 15.55 11.40
N LEU D 67 -6.24 16.70 11.36
CA LEU D 67 -5.88 17.34 10.10
C LEU D 67 -5.02 16.41 9.26
N ARG D 68 -4.05 15.78 9.92
CA ARG D 68 -3.10 14.90 9.26
C ARG D 68 -3.78 13.79 8.46
N GLY D 69 -4.58 12.98 9.13
CA GLY D 69 -5.25 11.87 8.49
C GLY D 69 -6.13 12.28 7.32
N THR D 70 -6.70 13.47 7.38
CA THR D 70 -7.53 13.95 6.28
C THR D 70 -6.68 14.12 5.05
N VAL D 71 -5.61 14.90 5.19
CA VAL D 71 -4.70 15.18 4.10
C VAL D 71 -4.18 13.90 3.44
N ASN D 72 -3.89 12.89 4.25
CA ASN D 72 -3.45 11.60 3.72
C ASN D 72 -4.48 10.98 2.81
N SER D 73 -5.74 11.14 3.16
CA SER D 73 -6.84 10.58 2.36
C SER D 73 -6.87 11.24 0.99
N TYR D 74 -7.07 12.55 0.99
CA TYR D 74 -7.18 13.27 -0.27
C TYR D 74 -5.89 13.17 -1.08
N LEU D 75 -4.76 13.54 -0.48
CA LEU D 75 -3.47 13.46 -1.16
C LEU D 75 -3.15 12.04 -1.65
N ARG D 76 -3.76 11.04 -1.02
CA ARG D 76 -3.53 9.66 -1.46
C ARG D 76 -4.53 9.27 -2.56
N TRP D 77 -5.67 9.94 -2.59
CA TRP D 77 -6.62 9.78 -3.69
C TRP D 77 -6.07 10.40 -4.96
N ILE D 78 -5.46 11.58 -4.80
CA ILE D 78 -5.01 12.33 -5.96
C ILE D 78 -3.87 11.64 -6.69
N LYS D 79 -2.89 11.15 -5.94
CA LYS D 79 -1.78 10.43 -6.55
C LYS D 79 -2.32 9.18 -7.24
N ALA D 80 -3.45 8.69 -6.75
CA ALA D 80 -4.09 7.53 -7.36
C ALA D 80 -4.53 7.89 -8.77
N ALA D 81 -5.35 8.93 -8.88
CA ALA D 81 -5.80 9.41 -10.17
C ALA D 81 -4.62 9.58 -11.13
N ILE D 82 -3.88 10.66 -10.95
CA ILE D 82 -2.69 10.95 -11.75
C ILE D 82 -2.01 9.70 -12.31
N ASP D 83 -1.68 8.78 -11.42
CA ASP D 83 -0.86 7.62 -11.79
C ASP D 83 -1.53 6.68 -12.80
N VAL D 84 -2.85 6.49 -12.67
CA VAL D 84 -3.55 5.72 -13.69
C VAL D 84 -3.39 6.45 -15.01
N ILE D 85 -3.91 7.66 -15.08
CA ILE D 85 -3.65 8.55 -16.20
C ILE D 85 -2.19 8.48 -16.60
N ARG E 10 14.09 -15.74 -22.95
CA ARG E 10 14.59 -15.12 -21.73
C ARG E 10 14.71 -13.60 -21.87
N VAL E 11 14.53 -12.88 -20.77
CA VAL E 11 14.61 -11.42 -20.80
C VAL E 11 15.83 -10.92 -20.04
N GLN E 12 16.27 -9.71 -20.40
CA GLN E 12 17.42 -9.09 -19.77
C GLN E 12 17.04 -7.71 -19.24
N ALA E 13 17.44 -7.42 -18.01
CA ALA E 13 17.08 -6.15 -17.37
C ALA E 13 18.25 -5.48 -16.67
N LYS E 14 18.28 -4.15 -16.72
CA LYS E 14 19.35 -3.37 -16.11
C LYS E 14 18.88 -1.96 -15.75
N ILE E 15 18.80 -1.68 -14.45
CA ILE E 15 18.35 -0.37 -13.97
C ILE E 15 19.46 0.36 -13.22
N GLU E 16 19.45 1.69 -13.30
CA GLU E 16 20.41 2.53 -12.58
C GLU E 16 19.77 3.83 -12.12
N MET E 17 19.69 4.01 -10.80
CA MET E 17 19.19 5.26 -10.26
C MET E 17 20.28 5.99 -9.50
N GLU E 18 20.44 7.28 -9.79
CA GLU E 18 21.44 8.08 -9.09
C GLU E 18 20.82 8.76 -7.87
N PHE E 19 21.61 8.90 -6.82
CA PHE E 19 21.17 9.55 -5.59
C PHE E 19 21.90 10.88 -5.39
N PRO E 20 21.38 11.75 -4.52
CA PRO E 20 22.02 13.03 -4.24
C PRO E 20 23.49 12.88 -3.86
N SER E 21 23.77 12.13 -2.79
CA SER E 21 25.15 11.90 -2.36
C SER E 21 25.53 10.43 -2.45
N GLU E 22 26.82 10.15 -2.27
CA GLU E 22 27.32 8.78 -2.32
C GLU E 22 26.99 8.03 -1.04
N ASP E 23 26.51 8.74 -0.03
CA ASP E 23 26.15 8.09 1.22
C ASP E 23 24.67 7.68 1.23
N VAL E 24 23.84 8.40 0.48
CA VAL E 24 22.44 8.02 0.36
C VAL E 24 22.37 6.69 -0.39
N ALA E 25 23.26 6.53 -1.37
CA ALA E 25 23.40 5.26 -2.06
C ALA E 25 23.77 4.19 -1.04
N LYS E 26 24.79 4.48 -0.23
CA LYS E 26 25.24 3.60 0.84
C LYS E 26 24.08 3.09 1.69
N VAL E 27 23.39 4.01 2.35
CA VAL E 27 22.29 3.66 3.24
C VAL E 27 21.24 2.78 2.54
N VAL E 28 20.74 3.28 1.42
CA VAL E 28 19.72 2.57 0.64
C VAL E 28 20.12 1.14 0.30
N TYR E 29 21.21 1.01 -0.45
CA TYR E 29 21.73 -0.31 -0.84
C TYR E 29 21.65 -1.25 0.33
N GLU E 30 22.24 -0.83 1.46
CA GLU E 30 22.22 -1.59 2.69
C GLU E 30 20.80 -2.05 3.04
N ALA E 31 19.86 -1.12 3.01
CA ALA E 31 18.47 -1.41 3.33
C ALA E 31 17.89 -2.49 2.43
N VAL E 32 18.18 -2.39 1.13
CA VAL E 32 17.65 -3.33 0.15
C VAL E 32 18.44 -4.62 0.14
N LEU E 33 19.76 -4.49 0.30
CA LEU E 33 20.65 -5.64 0.34
C LEU E 33 20.18 -6.63 1.39
N TYR E 34 19.82 -6.11 2.56
CA TYR E 34 19.29 -6.94 3.64
C TYR E 34 18.04 -7.71 3.20
N GLU E 35 17.25 -7.09 2.33
CA GLU E 35 16.06 -7.73 1.78
C GLU E 35 16.41 -8.72 0.67
N HIS E 36 17.36 -8.33 -0.17
CA HIS E 36 17.88 -9.21 -1.21
C HIS E 36 18.20 -10.56 -0.59
N LEU E 37 18.95 -10.52 0.52
CA LEU E 37 19.43 -11.73 1.19
C LEU E 37 18.30 -12.49 1.86
N SER E 38 17.27 -11.75 2.27
CA SER E 38 16.13 -12.39 2.92
C SER E 38 15.37 -13.26 1.93
N VAL E 39 15.28 -12.78 0.69
CA VAL E 39 14.50 -13.45 -0.36
C VAL E 39 14.76 -14.95 -0.45
N PRO E 40 13.69 -15.74 -0.27
CA PRO E 40 13.66 -17.21 -0.41
C PRO E 40 13.59 -17.70 -1.87
N TYR E 41 12.92 -16.96 -2.73
CA TYR E 41 12.64 -17.41 -4.09
C TYR E 41 13.36 -16.63 -5.18
N ARG E 42 13.61 -17.27 -6.31
CA ARG E 42 14.20 -16.62 -7.46
C ARG E 42 13.42 -16.91 -8.74
N ARG E 43 12.27 -16.28 -8.91
CA ARG E 43 11.52 -16.45 -10.16
C ARG E 43 12.36 -15.88 -11.29
N SER E 44 13.40 -15.15 -10.91
CA SER E 44 14.40 -14.64 -11.83
C SER E 44 15.69 -14.38 -11.05
N GLU E 45 16.82 -14.30 -11.76
CA GLU E 45 18.10 -14.05 -11.12
C GLU E 45 18.44 -12.57 -11.05
N ILE E 46 18.89 -12.11 -9.89
CA ILE E 46 19.23 -10.70 -9.71
C ILE E 46 20.68 -10.49 -9.32
N ASP E 47 21.29 -9.46 -9.92
CA ASP E 47 22.64 -9.04 -9.56
C ASP E 47 22.59 -7.63 -8.96
N PHE E 48 22.89 -7.54 -7.67
CA PHE E 48 22.78 -6.30 -6.91
C PHE E 48 24.16 -5.64 -6.80
N LYS E 49 24.26 -4.37 -7.18
CA LYS E 49 25.56 -3.70 -7.14
C LYS E 49 25.48 -2.23 -6.73
N LEU E 50 26.51 -1.76 -6.03
CA LEU E 50 26.62 -0.36 -5.65
C LEU E 50 27.78 0.31 -6.39
N GLU E 51 27.49 1.41 -7.09
CA GLU E 51 28.50 2.11 -7.88
C GLU E 51 28.91 3.41 -7.21
N GLY E 52 28.90 4.51 -7.97
CA GLY E 52 29.26 5.80 -7.42
C GLY E 52 28.25 6.24 -6.38
N LYS E 53 27.36 7.14 -6.79
CA LYS E 53 26.16 7.43 -6.01
C LYS E 53 24.98 6.86 -6.76
N LYS E 54 25.10 5.59 -7.11
CA LYS E 54 24.21 4.96 -8.08
C LYS E 54 24.16 3.45 -7.87
N ILE E 55 22.97 2.93 -7.63
CA ILE E 55 22.77 1.50 -7.47
C ILE E 55 22.43 0.84 -8.82
N ILE E 56 22.98 -0.35 -9.05
CA ILE E 56 22.78 -1.04 -10.32
C ILE E 56 22.11 -2.40 -10.15
N LEU E 57 21.03 -2.61 -10.89
CA LEU E 57 20.36 -3.91 -10.93
C LEU E 57 20.66 -4.63 -12.25
N ASP E 58 20.69 -5.96 -12.20
CA ASP E 58 20.86 -6.76 -13.41
C ASP E 58 20.06 -8.06 -13.32
N ILE E 59 18.88 -8.05 -13.96
CA ILE E 59 17.93 -9.15 -13.86
C ILE E 59 17.89 -10.00 -15.13
N LYS E 60 17.68 -11.29 -14.95
CA LYS E 60 17.52 -12.24 -16.03
C LYS E 60 16.32 -13.12 -15.77
N ALA E 61 15.23 -12.94 -16.51
CA ALA E 61 14.03 -13.73 -16.29
C ALA E 61 13.78 -14.69 -17.45
N THR E 62 13.04 -15.75 -17.17
CA THR E 62 12.60 -16.65 -18.21
C THR E 62 11.61 -15.94 -19.10
N ASP E 63 10.62 -15.30 -18.47
CA ASP E 63 9.60 -14.56 -19.21
C ASP E 63 9.51 -13.10 -18.77
N SER E 64 8.56 -12.37 -19.37
CA SER E 64 8.38 -10.95 -19.13
C SER E 64 7.56 -10.68 -17.87
N SER E 65 6.59 -11.55 -17.61
CA SER E 65 5.76 -11.45 -16.43
C SER E 65 6.63 -11.68 -15.18
N ALA E 66 7.45 -12.72 -15.22
CA ALA E 66 8.38 -13.03 -14.13
C ALA E 66 9.32 -11.86 -13.86
N LEU E 67 9.91 -11.32 -14.92
CA LEU E 67 10.77 -10.15 -14.81
C LEU E 67 10.03 -9.00 -14.11
N ARG E 68 8.80 -8.77 -14.55
CA ARG E 68 7.98 -7.68 -14.05
C ARG E 68 7.83 -7.72 -12.53
N GLY E 69 7.42 -8.86 -12.00
CA GLY E 69 7.23 -9.00 -10.57
C GLY E 69 8.50 -8.76 -9.78
N THR E 70 9.65 -9.15 -10.34
CA THR E 70 10.92 -8.98 -9.67
C THR E 70 11.24 -7.51 -9.54
N VAL E 71 11.08 -6.80 -10.64
CA VAL E 71 11.33 -5.36 -10.68
C VAL E 71 10.50 -4.63 -9.63
N ASN E 72 9.20 -4.88 -9.61
CA ASN E 72 8.33 -4.32 -8.60
C ASN E 72 8.94 -4.43 -7.21
N SER E 73 9.32 -5.65 -6.84
CA SER E 73 9.89 -5.90 -5.53
C SER E 73 11.05 -4.96 -5.22
N TYR E 74 12.11 -5.05 -6.00
CA TYR E 74 13.31 -4.24 -5.73
C TYR E 74 13.02 -2.75 -5.85
N LEU E 75 12.35 -2.36 -6.91
CA LEU E 75 11.99 -0.95 -7.11
C LEU E 75 11.00 -0.46 -6.06
N ARG E 76 10.29 -1.38 -5.43
CA ARG E 76 9.38 -1.00 -4.37
C ARG E 76 10.11 -0.94 -3.03
N TRP E 77 11.19 -1.72 -2.91
CA TRP E 77 12.05 -1.65 -1.74
C TRP E 77 12.81 -0.33 -1.71
N ILE E 78 13.32 0.08 -2.86
CA ILE E 78 14.19 1.24 -2.93
C ILE E 78 13.46 2.53 -2.59
N LYS E 79 12.26 2.70 -3.13
CA LYS E 79 11.45 3.87 -2.81
C LYS E 79 11.19 3.87 -1.30
N ALA E 80 11.01 2.67 -0.75
CA ALA E 80 10.79 2.51 0.68
C ALA E 80 11.94 3.17 1.43
N ALA E 81 13.16 2.71 1.15
CA ALA E 81 14.35 3.31 1.75
C ALA E 81 14.33 4.82 1.60
N ILE E 82 14.65 5.30 0.41
CA ILE E 82 14.68 6.73 0.11
C ILE E 82 13.70 7.53 0.95
N ASP E 83 12.44 7.12 0.94
CA ASP E 83 11.37 7.89 1.58
C ASP E 83 11.58 8.07 3.08
N VAL E 84 11.96 6.99 3.77
CA VAL E 84 12.27 7.09 5.18
C VAL E 84 13.36 8.12 5.40
N ILE E 85 14.46 7.96 4.67
CA ILE E 85 15.60 8.86 4.75
C ILE E 85 15.20 10.32 4.57
N GLU E 86 14.20 10.55 3.71
CA GLU E 86 13.75 11.89 3.41
C GLU E 86 12.48 12.23 4.17
N ALA F 8 17.56 7.71 -5.94
CA ALA F 8 16.58 8.18 -6.90
C ALA F 8 16.74 9.67 -7.13
N LYS F 9 16.92 10.05 -8.39
CA LYS F 9 16.98 11.45 -8.77
C LYS F 9 16.67 11.53 -10.25
N ARG F 10 17.35 10.70 -11.02
CA ARG F 10 16.92 10.37 -12.37
C ARG F 10 17.41 8.95 -12.67
N VAL F 11 16.48 8.08 -13.00
CA VAL F 11 16.79 6.67 -13.17
C VAL F 11 16.97 6.34 -14.65
N GLN F 12 17.65 5.23 -14.91
CA GLN F 12 17.88 4.78 -16.27
C GLN F 12 17.47 3.31 -16.39
N ALA F 13 16.84 2.95 -17.50
CA ALA F 13 16.38 1.57 -17.71
C ALA F 13 16.63 1.09 -19.14
N LYS F 14 16.77 -0.23 -19.29
CA LYS F 14 17.02 -0.83 -20.59
C LYS F 14 16.68 -2.31 -20.58
N ILE F 15 15.60 -2.68 -21.24
CA ILE F 15 15.15 -4.06 -21.25
C ILE F 15 15.20 -4.69 -22.64
N GLU F 16 15.56 -5.97 -22.68
CA GLU F 16 15.61 -6.72 -23.93
C GLU F 16 15.04 -8.12 -23.74
N MET F 17 14.15 -8.53 -24.62
CA MET F 17 13.63 -9.90 -24.60
C MET F 17 13.68 -10.51 -25.98
N GLU F 18 14.26 -11.71 -26.06
CA GLU F 18 14.39 -12.41 -27.32
C GLU F 18 13.19 -13.30 -27.56
N PHE F 19 12.78 -13.40 -28.81
CA PHE F 19 11.69 -14.28 -29.21
C PHE F 19 12.26 -15.39 -30.08
N PRO F 20 11.60 -16.55 -30.10
CA PRO F 20 12.01 -17.69 -30.92
C PRO F 20 12.40 -17.29 -32.34
N SER F 21 11.48 -16.67 -33.08
CA SER F 21 11.77 -16.24 -34.44
C SER F 21 11.75 -14.72 -34.56
N GLU F 22 12.19 -14.23 -35.71
CA GLU F 22 12.26 -12.80 -35.95
C GLU F 22 10.89 -12.21 -36.29
N ASP F 23 9.99 -13.06 -36.79
CA ASP F 23 8.66 -12.59 -37.17
C ASP F 23 7.77 -12.41 -35.94
N VAL F 24 7.91 -13.29 -34.96
CA VAL F 24 7.18 -13.15 -33.71
C VAL F 24 7.51 -11.78 -33.11
N ALA F 25 8.79 -11.43 -33.13
CA ALA F 25 9.25 -10.12 -32.71
C ALA F 25 8.53 -9.02 -33.47
N LYS F 26 8.42 -9.19 -34.79
CA LYS F 26 7.68 -8.25 -35.62
C LYS F 26 6.28 -8.05 -35.04
N VAL F 27 5.55 -9.14 -34.92
CA VAL F 27 4.17 -9.10 -34.45
C VAL F 27 4.03 -8.35 -33.13
N VAL F 28 4.76 -8.81 -32.11
CA VAL F 28 4.69 -8.23 -30.78
C VAL F 28 5.00 -6.73 -30.81
N TYR F 29 6.00 -6.37 -31.60
CA TYR F 29 6.37 -4.97 -31.74
C TYR F 29 5.16 -4.17 -32.21
N GLU F 30 4.54 -4.66 -33.27
CA GLU F 30 3.38 -4.01 -33.88
C GLU F 30 2.27 -3.83 -32.87
N ALA F 31 1.82 -4.95 -32.30
CA ALA F 31 0.74 -4.94 -31.31
C ALA F 31 0.97 -3.89 -30.24
N VAL F 32 2.18 -3.88 -29.68
CA VAL F 32 2.51 -2.98 -28.58
C VAL F 32 2.83 -1.57 -29.08
N LEU F 33 3.30 -1.48 -30.31
CA LEU F 33 3.65 -0.19 -30.90
C LEU F 33 2.42 0.69 -30.93
N TYR F 34 1.29 0.10 -31.33
CA TYR F 34 0.04 0.83 -31.39
C TYR F 34 -0.34 1.36 -30.02
N GLU F 35 0.02 0.62 -28.98
CA GLU F 35 -0.23 1.05 -27.62
C GLU F 35 0.71 2.18 -27.23
N HIS F 36 1.99 1.99 -27.53
CA HIS F 36 2.99 3.00 -27.24
C HIS F 36 2.47 4.35 -27.69
N LEU F 37 2.07 4.39 -28.96
CA LEU F 37 1.60 5.63 -29.57
C LEU F 37 0.35 6.14 -28.88
N SER F 38 -0.55 5.22 -28.56
CA SER F 38 -1.86 5.54 -28.00
C SER F 38 -1.84 6.42 -26.75
N VAL F 39 -0.79 6.30 -25.96
CA VAL F 39 -0.73 6.97 -24.67
C VAL F 39 -0.49 8.47 -24.77
N PRO F 40 -1.30 9.27 -24.05
CA PRO F 40 -1.18 10.72 -23.97
C PRO F 40 0.00 11.12 -23.08
N TYR F 41 -0.11 10.85 -21.79
CA TYR F 41 0.88 11.30 -20.82
C TYR F 41 1.91 10.23 -20.46
N ARG F 42 3.10 10.68 -20.08
CA ARG F 42 4.21 9.80 -19.74
C ARG F 42 4.69 10.11 -18.34
N ARG F 43 4.56 9.18 -17.42
CA ARG F 43 5.23 9.33 -16.13
C ARG F 43 6.70 8.96 -16.32
N SER F 44 7.19 9.13 -17.54
CA SER F 44 8.58 8.86 -17.90
C SER F 44 8.74 8.81 -19.41
N GLU F 45 9.96 9.01 -19.89
CA GLU F 45 10.24 8.98 -21.32
C GLU F 45 10.77 7.64 -21.78
N ILE F 46 10.07 7.02 -22.73
CA ILE F 46 10.43 5.71 -23.24
C ILE F 46 10.83 5.73 -24.71
N ASP F 47 11.77 4.87 -25.07
CA ASP F 47 12.23 4.74 -26.45
C ASP F 47 11.96 3.31 -26.94
N PHE F 48 11.13 3.19 -27.97
CA PHE F 48 10.76 1.86 -28.49
C PHE F 48 11.55 1.50 -29.75
N LYS F 49 12.10 0.29 -29.76
CA LYS F 49 12.88 -0.19 -30.91
C LYS F 49 12.75 -1.68 -31.15
N LEU F 50 12.91 -2.09 -32.41
CA LEU F 50 12.96 -3.50 -32.75
C LEU F 50 14.40 -3.87 -33.13
N GLU F 51 14.77 -5.11 -32.84
CA GLU F 51 16.12 -5.58 -33.06
C GLU F 51 16.09 -7.08 -33.33
N GLY F 52 16.68 -7.50 -34.44
CA GLY F 52 16.67 -8.91 -34.84
C GLY F 52 15.36 -9.60 -34.48
N LYS F 53 15.43 -10.49 -33.50
CA LYS F 53 14.24 -11.11 -32.93
C LYS F 53 14.13 -10.73 -31.46
N LYS F 54 14.12 -9.43 -31.20
CA LYS F 54 14.30 -8.92 -29.86
C LYS F 54 13.93 -7.45 -29.76
N ILE F 55 13.00 -7.14 -28.87
CA ILE F 55 12.56 -5.76 -28.68
C ILE F 55 13.39 -5.08 -27.59
N ILE F 56 13.62 -3.78 -27.75
CA ILE F 56 14.45 -3.03 -26.81
C ILE F 56 13.69 -1.88 -26.17
N LEU F 57 13.81 -1.76 -24.85
CA LEU F 57 13.19 -0.67 -24.11
C LEU F 57 14.25 0.26 -23.54
N ASP F 58 14.00 1.57 -23.61
CA ASP F 58 14.96 2.55 -23.12
C ASP F 58 14.28 3.67 -22.32
N ILE F 59 14.14 3.46 -21.01
CA ILE F 59 13.39 4.38 -20.17
C ILE F 59 14.25 5.37 -19.39
N LYS F 60 13.70 6.57 -19.19
CA LYS F 60 14.30 7.59 -18.34
C LYS F 60 13.23 8.19 -17.44
N ALA F 61 13.31 7.90 -16.14
CA ALA F 61 12.33 8.42 -15.20
C ALA F 61 12.99 9.36 -14.18
N THR F 62 12.15 10.10 -13.47
CA THR F 62 12.63 11.02 -12.45
C THR F 62 12.96 10.25 -11.18
N ASP F 63 11.96 9.56 -10.63
CA ASP F 63 12.17 8.73 -9.44
C ASP F 63 12.02 7.25 -9.77
N SER F 64 11.93 6.43 -8.72
CA SER F 64 11.84 4.97 -8.89
C SER F 64 10.40 4.47 -8.91
N SER F 65 9.49 5.22 -8.29
CA SER F 65 8.08 4.86 -8.31
C SER F 65 7.53 5.11 -9.70
N ALA F 66 7.98 6.21 -10.32
CA ALA F 66 7.58 6.56 -11.68
C ALA F 66 7.97 5.47 -12.66
N LEU F 67 9.27 5.23 -12.79
CA LEU F 67 9.79 4.24 -13.73
C LEU F 67 9.12 2.88 -13.57
N ARG F 68 8.85 2.49 -12.32
CA ARG F 68 8.28 1.16 -12.05
C ARG F 68 6.92 1.00 -12.72
N GLY F 69 6.04 1.98 -12.53
CA GLY F 69 4.72 1.93 -13.13
C GLY F 69 4.74 1.92 -14.65
N THR F 70 5.74 2.58 -15.24
CA THR F 70 5.92 2.59 -16.68
C THR F 70 6.31 1.20 -17.16
N VAL F 71 7.24 0.59 -16.42
CA VAL F 71 7.71 -0.76 -16.74
C VAL F 71 6.57 -1.77 -16.74
N ASN F 72 5.80 -1.78 -15.65
CA ASN F 72 4.68 -2.68 -15.51
C ASN F 72 3.75 -2.60 -16.71
N SER F 73 3.49 -1.38 -17.17
CA SER F 73 2.65 -1.16 -18.34
C SER F 73 3.15 -2.02 -19.50
N TYR F 74 4.18 -1.52 -20.16
CA TYR F 74 4.76 -2.19 -21.31
C TYR F 74 4.95 -3.68 -21.10
N LEU F 75 5.57 -4.05 -19.98
CA LEU F 75 5.85 -5.45 -19.68
C LEU F 75 4.57 -6.28 -19.56
N ARG F 76 3.45 -5.60 -19.38
CA ARG F 76 2.15 -6.27 -19.34
C ARG F 76 1.64 -6.40 -20.78
N TRP F 77 1.82 -5.33 -21.56
CA TRP F 77 1.42 -5.34 -22.96
C TRP F 77 2.12 -6.44 -23.76
N ILE F 78 3.41 -6.62 -23.51
CA ILE F 78 4.19 -7.59 -24.28
C ILE F 78 3.85 -9.03 -23.89
N LYS F 79 3.52 -9.24 -22.61
CA LYS F 79 3.12 -10.57 -22.18
C LYS F 79 1.77 -10.89 -22.83
N ALA F 80 0.94 -9.87 -22.96
CA ALA F 80 -0.32 -10.02 -23.67
C ALA F 80 -0.04 -10.50 -25.10
N ALA F 81 0.70 -9.69 -25.86
CA ALA F 81 1.07 -10.03 -27.22
C ALA F 81 1.56 -11.47 -27.30
N ILE F 82 2.69 -11.73 -26.66
CA ILE F 82 3.26 -13.07 -26.61
C ILE F 82 2.20 -14.16 -26.45
N ASP F 83 1.41 -14.04 -25.38
CA ASP F 83 0.47 -15.09 -25.01
C ASP F 83 -0.61 -15.32 -26.06
N VAL F 84 -1.10 -14.25 -26.67
CA VAL F 84 -2.05 -14.39 -27.77
C VAL F 84 -1.47 -15.25 -28.88
N ILE F 85 -0.35 -14.78 -29.45
CA ILE F 85 0.35 -15.51 -30.50
C ILE F 85 0.52 -16.98 -30.14
N GLU F 86 1.07 -17.24 -28.95
CA GLU F 86 1.22 -18.60 -28.46
C GLU F 86 -0.09 -19.09 -27.83
#